data_6SFC
#
_entry.id   6SFC
#
_cell.length_a   86.000
_cell.length_b   86.180
_cell.length_c   97.180
_cell.angle_alpha   90.000
_cell.angle_beta   90.000
_cell.angle_gamma   90.000
#
_symmetry.space_group_name_H-M   'P 21 21 21'
#
loop_
_entity.id
_entity.type
_entity.pdbx_description
1 polymer 'Polycomb protein EED'
2 non-polymer 'CALCIUM ION'
3 non-polymer N-(2,3-dihydro-1-benzofuran-4-ylmethyl)-8-(4-methylsulfonylphenyl)-[1,2,4]triazolo[4,3-c]pyrimidin-5-amine
4 non-polymer N-(1,3-benzodioxol-4-ylmethyl)-4-methyl-5-(1-methylpyrazol-3-yl)-1,3-thiazol-2-amine
5 water water
#
_entity_poly.entity_id   1
_entity_poly.type   'polypeptide(L)'
_entity_poly.pdbx_seq_one_letter_code
;KKCKYSFKCVNSLKEDHNQPLFGVQFNWHSKEGDPLVFATVGSNRVTLYECHSQGEIRLLQSYVDADADENFYTCAWTYD
SNTSHPLLAVAGSRGIIRIINPITMQCIKHYVGHGNAINELKFHPRDPNLLLSVSKDHALRLWNIQTDTLVAIFGGVEGH
RDEVLSADYDLLGEKIMSCGMDHSLKLWRINSKRMMNAIKESYDYNPNKTNRPFISQKIHFPDFSTRDIHRNYVDCVRWL
GDLILSKSCENAIVCWKPGKMEDDIDKIKPSESNVTILGRFDYSQCDIWYMRFSMDFWQKMLALGNQVGKLYVWDLEVED
PHKAKCTTLTHHKCGAAIRQTSFSRDSSILIAVCDDASIWRWDRLR
;
_entity_poly.pdbx_strand_id   A,B
#
loop_
_chem_comp.id
_chem_comp.type
_chem_comp.name
_chem_comp.formula
CA non-polymer 'CALCIUM ION' 'Ca 2'
L9T non-polymer N-(1,3-benzodioxol-4-ylmethyl)-4-methyl-5-(1-methylpyrazol-3-yl)-1,3-thiazol-2-amine 'C16 H16 N4 O2 S'
L9W non-polymer N-(2,3-dihydro-1-benzofuran-4-ylmethyl)-8-(4-methylsulfonylphenyl)-[1,2,4]triazolo[4,3-c]pyrimidin-5-amine 'C21 H19 N5 O3 S'
#
# COMPACT_ATOMS: atom_id res chain seq x y z
N PHE A 7 -17.32 20.36 1.96
CA PHE A 7 -17.61 19.73 0.67
C PHE A 7 -18.61 18.59 0.73
N LYS A 8 -19.47 18.51 -0.31
CA LYS A 8 -20.43 17.44 -0.46
C LYS A 8 -20.40 16.92 -1.90
N CYS A 9 -20.44 15.58 -2.07
CA CYS A 9 -20.44 14.99 -3.41
C CYS A 9 -21.82 15.18 -4.02
N VAL A 10 -21.91 16.03 -5.05
CA VAL A 10 -23.18 16.39 -5.69
C VAL A 10 -23.45 15.66 -7.00
N ASN A 11 -22.39 15.12 -7.65
CA ASN A 11 -22.53 14.42 -8.93
C ASN A 11 -21.30 13.56 -9.27
N SER A 12 -21.51 12.55 -10.14
CA SER A 12 -20.47 11.66 -10.65
C SER A 12 -20.87 11.09 -12.00
N LEU A 13 -19.88 10.85 -12.86
CA LEU A 13 -20.08 10.27 -14.18
C LEU A 13 -18.88 9.44 -14.60
N LYS A 14 -19.03 8.61 -15.63
CA LYS A 14 -17.96 7.75 -16.13
C LYS A 14 -17.86 7.89 -17.65
N GLU A 15 -16.65 8.24 -18.16
CA GLU A 15 -16.39 8.40 -19.60
C GLU A 15 -16.44 7.02 -20.29
N ASP A 16 -17.08 6.94 -21.49
CA ASP A 16 -17.34 5.70 -22.26
C ASP A 16 -16.10 4.89 -22.65
N HIS A 17 -14.91 5.54 -22.76
CA HIS A 17 -13.66 4.85 -23.15
C HIS A 17 -13.13 3.83 -22.11
N ASN A 18 -13.55 3.94 -20.83
CA ASN A 18 -13.16 3.08 -19.69
C ASN A 18 -11.66 3.10 -19.33
N GLN A 19 -10.90 4.05 -19.88
CA GLN A 19 -9.47 4.17 -19.61
C GLN A 19 -9.20 5.16 -18.47
N PRO A 20 -8.08 5.03 -17.72
CA PRO A 20 -7.79 6.00 -16.65
C PRO A 20 -7.76 7.45 -17.10
N LEU A 21 -8.25 8.36 -16.26
CA LEU A 21 -8.15 9.80 -16.51
C LEU A 21 -6.94 10.29 -15.71
N PHE A 22 -5.95 10.87 -16.41
CA PHE A 22 -4.68 11.30 -15.80
C PHE A 22 -4.58 12.78 -15.50
N GLY A 23 -5.42 13.59 -16.13
CA GLY A 23 -5.44 15.04 -15.93
C GLY A 23 -6.82 15.64 -15.95
N VAL A 24 -6.98 16.74 -15.22
CA VAL A 24 -8.19 17.53 -15.09
C VAL A 24 -7.81 18.97 -14.75
N GLN A 25 -8.40 19.94 -15.47
CA GLN A 25 -8.12 21.35 -15.21
C GLN A 25 -9.37 22.16 -15.42
N PHE A 26 -9.73 22.97 -14.44
CA PHE A 26 -10.78 23.97 -14.64
C PHE A 26 -10.13 25.10 -15.44
N ASN A 27 -10.89 25.79 -16.31
CA ASN A 27 -10.37 26.94 -17.07
C ASN A 27 -10.46 28.12 -16.11
N TRP A 28 -9.32 28.60 -15.63
CA TRP A 28 -9.27 29.73 -14.73
C TRP A 28 -9.29 31.07 -15.45
N HIS A 29 -9.42 31.06 -16.80
CA HIS A 29 -9.41 32.31 -17.58
C HIS A 29 -10.80 32.83 -17.95
N SER A 30 -11.86 32.26 -17.36
CA SER A 30 -13.23 32.71 -17.61
C SER A 30 -13.68 33.74 -16.55
N LYS A 31 -14.42 34.78 -17.00
CA LYS A 31 -14.96 35.88 -16.16
C LYS A 31 -16.05 35.37 -15.24
N GLU A 32 -16.33 36.08 -14.11
CA GLU A 32 -17.41 35.69 -13.20
C GLU A 32 -18.75 35.89 -13.92
N GLY A 33 -19.65 34.93 -13.77
CA GLY A 33 -20.94 34.95 -14.44
C GLY A 33 -20.90 34.25 -15.79
N ASP A 34 -19.70 33.79 -16.19
CA ASP A 34 -19.49 33.04 -17.43
C ASP A 34 -19.41 31.53 -17.08
N PRO A 35 -19.59 30.61 -18.06
CA PRO A 35 -19.59 29.17 -17.75
C PRO A 35 -18.37 28.61 -16.99
N LEU A 36 -18.60 27.78 -15.96
CA LEU A 36 -17.53 27.09 -15.21
C LEU A 36 -17.19 25.84 -16.01
N VAL A 37 -16.07 25.87 -16.74
CA VAL A 37 -15.67 24.78 -17.63
C VAL A 37 -14.37 24.09 -17.17
N PHE A 38 -14.35 22.74 -17.22
CA PHE A 38 -13.18 21.94 -16.92
C PHE A 38 -12.89 20.96 -18.04
N ALA A 39 -11.61 20.65 -18.25
CA ALA A 39 -11.13 19.69 -19.24
C ALA A 39 -10.64 18.43 -18.53
N THR A 40 -10.86 17.23 -19.12
CA THR A 40 -10.35 15.95 -18.61
C THR A 40 -9.55 15.29 -19.74
N VAL A 41 -8.49 14.54 -19.40
CA VAL A 41 -7.66 13.83 -20.38
C VAL A 41 -7.42 12.39 -19.91
N GLY A 42 -7.62 11.50 -20.85
CA GLY A 42 -7.49 10.06 -20.70
C GLY A 42 -7.54 9.44 -22.09
N SER A 43 -6.88 8.27 -22.26
CA SER A 43 -6.79 7.57 -23.55
C SER A 43 -6.27 8.60 -24.60
N ASN A 44 -6.88 8.67 -25.79
CA ASN A 44 -6.51 9.66 -26.81
C ASN A 44 -7.62 10.73 -26.84
N ARG A 45 -8.27 10.97 -25.68
CA ARG A 45 -9.40 11.90 -25.59
C ARG A 45 -9.18 13.12 -24.67
N VAL A 46 -9.78 14.24 -25.07
CA VAL A 46 -9.84 15.48 -24.34
C VAL A 46 -11.32 15.82 -24.26
N THR A 47 -11.90 15.91 -23.06
CA THR A 47 -13.33 16.20 -22.93
C THR A 47 -13.59 17.45 -22.09
N LEU A 48 -14.45 18.35 -22.61
CA LEU A 48 -14.86 19.58 -21.92
C LEU A 48 -16.21 19.38 -21.27
N TYR A 49 -16.37 19.92 -20.06
CA TYR A 49 -17.61 19.86 -19.28
C TYR A 49 -17.95 21.22 -18.69
N GLU A 50 -19.25 21.45 -18.46
CA GLU A 50 -19.73 22.68 -17.84
C GLU A 50 -20.36 22.36 -16.51
N CYS A 51 -20.02 23.12 -15.47
CA CYS A 51 -20.59 22.97 -14.13
C CYS A 51 -21.73 23.96 -14.01
N HIS A 52 -22.92 23.47 -13.72
CA HIS A 52 -24.12 24.27 -13.54
C HIS A 52 -24.59 24.10 -12.10
N SER A 53 -25.64 24.85 -11.73
CA SER A 53 -26.27 24.79 -10.42
C SER A 53 -26.87 23.39 -10.17
N GLN A 54 -27.09 23.06 -8.87
CA GLN A 54 -27.65 21.80 -8.38
C GLN A 54 -26.84 20.57 -8.82
N GLY A 55 -25.53 20.72 -8.80
CA GLY A 55 -24.56 19.67 -9.12
C GLY A 55 -24.51 19.19 -10.56
N GLU A 56 -25.23 19.86 -11.47
CA GLU A 56 -25.27 19.49 -12.89
C GLU A 56 -23.89 19.65 -13.61
N ILE A 57 -23.47 18.59 -14.29
CA ILE A 57 -22.28 18.54 -15.13
C ILE A 57 -22.81 18.28 -16.54
N ARG A 58 -22.55 19.22 -17.46
CA ARG A 58 -23.02 19.12 -18.84
C ARG A 58 -21.83 18.88 -19.77
N LEU A 59 -21.93 17.83 -20.61
CA LEU A 59 -20.93 17.52 -21.61
C LEU A 59 -21.00 18.58 -22.72
N LEU A 60 -19.87 19.26 -23.00
CA LEU A 60 -19.84 20.28 -24.03
C LEU A 60 -19.36 19.68 -25.34
N GLN A 61 -18.12 19.21 -25.36
CA GLN A 61 -17.48 18.63 -26.54
C GLN A 61 -16.34 17.72 -26.16
N SER A 62 -15.98 16.84 -27.09
CA SER A 62 -14.90 15.88 -26.97
C SER A 62 -13.93 16.04 -28.16
N TYR A 63 -12.64 15.83 -27.92
CA TYR A 63 -11.61 15.80 -28.95
C TYR A 63 -11.02 14.41 -28.93
N VAL A 64 -11.08 13.71 -30.06
CA VAL A 64 -10.53 12.38 -30.20
C VAL A 64 -9.32 12.52 -31.13
N ASP A 65 -8.13 12.17 -30.64
CA ASP A 65 -6.90 12.27 -31.40
C ASP A 65 -6.89 11.26 -32.54
N ALA A 66 -6.32 11.66 -33.70
CA ALA A 66 -6.20 10.79 -34.89
C ALA A 66 -5.46 9.48 -34.59
N ASP A 67 -4.51 9.52 -33.65
CA ASP A 67 -3.74 8.34 -33.23
C ASP A 67 -4.46 7.63 -32.07
N ALA A 68 -4.91 6.37 -32.30
CA ALA A 68 -5.61 5.57 -31.29
C ALA A 68 -4.63 5.15 -30.19
N ASP A 69 -3.33 5.03 -30.54
CA ASP A 69 -2.24 4.68 -29.62
C ASP A 69 -1.75 5.86 -28.75
N GLU A 70 -2.27 7.08 -28.97
CA GLU A 70 -1.94 8.25 -28.15
C GLU A 70 -2.59 8.13 -26.75
N ASN A 71 -1.84 8.42 -25.68
CA ASN A 71 -2.31 8.42 -24.28
C ASN A 71 -2.00 9.79 -23.66
N PHE A 72 -3.00 10.69 -23.60
CA PHE A 72 -2.81 12.03 -23.02
C PHE A 72 -2.65 11.89 -21.50
N TYR A 73 -1.67 12.59 -20.96
CA TYR A 73 -1.27 12.56 -19.55
C TYR A 73 -1.51 13.88 -18.87
N THR A 74 -1.60 14.97 -19.67
CA THR A 74 -1.66 16.32 -19.11
C THR A 74 -2.38 17.31 -20.04
N CYS A 75 -2.93 18.36 -19.45
CA CYS A 75 -3.56 19.48 -20.16
C CYS A 75 -3.34 20.75 -19.36
N ALA A 76 -3.42 21.89 -20.05
CA ALA A 76 -3.24 23.23 -19.49
C ALA A 76 -3.97 24.25 -20.37
N TRP A 77 -4.70 25.16 -19.73
CA TRP A 77 -5.43 26.24 -20.39
C TRP A 77 -4.59 27.49 -20.55
N THR A 78 -4.86 28.24 -21.60
CA THR A 78 -4.31 29.56 -21.82
C THR A 78 -5.36 30.35 -22.57
N TYR A 79 -5.01 31.57 -22.98
CA TYR A 79 -5.85 32.46 -23.78
C TYR A 79 -4.99 33.08 -24.87
N ASP A 80 -5.64 33.45 -25.99
CA ASP A 80 -5.03 34.16 -27.10
C ASP A 80 -4.85 35.59 -26.59
N SER A 81 -3.59 36.05 -26.45
CA SER A 81 -3.25 37.39 -25.95
C SER A 81 -3.94 38.56 -26.68
N ASN A 82 -4.30 38.38 -27.97
CA ASN A 82 -4.95 39.39 -28.82
C ASN A 82 -6.50 39.43 -28.74
N THR A 83 -7.17 38.30 -28.46
CA THR A 83 -8.65 38.22 -28.42
C THR A 83 -9.24 37.80 -27.07
N SER A 84 -8.39 37.28 -26.14
CA SER A 84 -8.73 36.73 -24.82
C SER A 84 -9.56 35.42 -24.93
N HIS A 85 -9.57 34.81 -26.12
CA HIS A 85 -10.26 33.53 -26.36
C HIS A 85 -9.49 32.38 -25.76
N PRO A 86 -10.15 31.43 -25.06
CA PRO A 86 -9.40 30.33 -24.43
C PRO A 86 -8.76 29.35 -25.42
N LEU A 87 -7.66 28.73 -24.97
CA LEU A 87 -6.90 27.72 -25.73
C LEU A 87 -6.53 26.62 -24.77
N LEU A 88 -6.51 25.38 -25.27
CA LEU A 88 -6.16 24.26 -24.44
C LEU A 88 -4.99 23.50 -25.06
N ALA A 89 -3.94 23.25 -24.26
CA ALA A 89 -2.77 22.48 -24.71
C ALA A 89 -2.89 21.09 -24.09
N VAL A 90 -2.59 20.06 -24.88
CA VAL A 90 -2.64 18.66 -24.43
C VAL A 90 -1.39 17.92 -24.91
N ALA A 91 -0.92 16.94 -24.12
CA ALA A 91 0.24 16.11 -24.47
C ALA A 91 0.22 14.79 -23.68
N GLY A 92 0.97 13.81 -24.17
CA GLY A 92 1.05 12.52 -23.51
C GLY A 92 2.15 11.62 -24.04
N SER A 93 1.83 10.31 -24.24
CA SER A 93 2.77 9.27 -24.67
C SER A 93 3.47 9.54 -26.00
N ARG A 94 2.79 10.19 -26.99
CA ARG A 94 3.42 10.46 -28.29
C ARG A 94 4.50 11.56 -28.22
N GLY A 95 4.46 12.38 -27.16
CA GLY A 95 5.43 13.46 -26.98
C GLY A 95 5.22 14.62 -27.92
N ILE A 96 3.99 14.77 -28.37
CA ILE A 96 3.52 15.81 -29.27
C ILE A 96 2.57 16.73 -28.45
N ILE A 97 2.83 18.04 -28.50
CA ILE A 97 1.95 19.02 -27.87
C ILE A 97 0.90 19.39 -28.92
N ARG A 98 -0.36 19.36 -28.54
CA ARG A 98 -1.45 19.73 -29.43
C ARG A 98 -2.19 20.92 -28.81
N ILE A 99 -2.39 21.98 -29.62
CA ILE A 99 -3.15 23.17 -29.22
C ILE A 99 -4.54 23.04 -29.82
N ILE A 100 -5.53 23.01 -28.94
CA ILE A 100 -6.93 22.81 -29.27
C ILE A 100 -7.72 24.10 -29.10
N ASN A 101 -8.61 24.42 -30.07
CA ASN A 101 -9.56 25.52 -29.96
C ASN A 101 -10.73 24.92 -29.15
N PRO A 102 -10.97 25.34 -27.87
CA PRO A 102 -12.04 24.68 -27.09
C PRO A 102 -13.47 24.92 -27.58
N ILE A 103 -13.68 25.97 -28.42
CA ILE A 103 -15.02 26.29 -28.94
C ILE A 103 -15.46 25.24 -29.95
N THR A 104 -14.56 24.85 -30.86
CA THR A 104 -14.79 23.87 -31.94
C THR A 104 -14.26 22.47 -31.58
N MET A 105 -13.38 22.38 -30.56
CA MET A 105 -12.60 21.20 -30.11
C MET A 105 -11.74 20.62 -31.25
N GLN A 106 -11.18 21.51 -32.06
CA GLN A 106 -10.31 21.19 -33.19
C GLN A 106 -8.86 21.62 -32.91
N CYS A 107 -7.91 20.84 -33.46
CA CYS A 107 -6.48 21.07 -33.31
C CYS A 107 -6.05 22.18 -34.26
N ILE A 108 -5.59 23.30 -33.67
CA ILE A 108 -5.09 24.49 -34.39
C ILE A 108 -3.66 24.19 -34.84
N LYS A 109 -2.82 23.72 -33.92
CA LYS A 109 -1.43 23.40 -34.24
C LYS A 109 -0.82 22.37 -33.31
N HIS A 110 0.36 21.91 -33.68
CA HIS A 110 1.08 20.89 -32.94
C HIS A 110 2.59 21.19 -32.88
N TYR A 111 3.23 20.73 -31.78
CA TYR A 111 4.67 20.86 -31.53
C TYR A 111 5.29 19.51 -31.32
N VAL A 112 6.34 19.23 -32.10
CA VAL A 112 7.15 18.00 -32.14
C VAL A 112 8.57 18.40 -31.73
N GLY A 113 9.24 17.58 -30.95
CA GLY A 113 10.60 17.85 -30.52
C GLY A 113 11.13 16.93 -29.43
N HIS A 114 10.35 16.77 -28.33
CA HIS A 114 10.73 15.85 -27.24
C HIS A 114 10.99 14.44 -27.79
N GLY A 115 12.00 13.78 -27.23
CA GLY A 115 12.42 12.44 -27.64
C GLY A 115 11.61 11.33 -27.01
N ASN A 116 10.55 11.71 -26.25
CA ASN A 116 9.71 10.78 -25.52
C ASN A 116 8.47 11.49 -24.98
N ALA A 117 7.63 10.75 -24.23
CA ALA A 117 6.38 11.22 -23.63
C ALA A 117 6.47 12.52 -22.86
N ILE A 118 5.39 13.30 -22.90
CA ILE A 118 5.32 14.52 -22.10
C ILE A 118 4.47 14.23 -20.87
N ASN A 119 5.06 14.45 -19.66
CA ASN A 119 4.42 14.20 -18.38
C ASN A 119 3.59 15.35 -17.83
N GLU A 120 4.01 16.61 -18.12
CA GLU A 120 3.30 17.78 -17.64
C GLU A 120 3.50 18.98 -18.56
N LEU A 121 2.43 19.78 -18.67
CA LEU A 121 2.37 21.05 -19.41
C LEU A 121 1.96 22.13 -18.46
N LYS A 122 2.64 23.31 -18.50
CA LYS A 122 2.32 24.45 -17.67
C LYS A 122 2.47 25.74 -18.45
N PHE A 123 1.50 26.63 -18.35
CA PHE A 123 1.59 27.95 -19.01
C PHE A 123 2.17 28.97 -18.04
N HIS A 124 3.06 29.84 -18.56
CA HIS A 124 3.67 30.91 -17.76
C HIS A 124 2.54 31.75 -17.07
N PRO A 125 2.67 32.06 -15.76
CA PRO A 125 1.60 32.83 -15.07
C PRO A 125 1.39 34.28 -15.55
N ARG A 126 2.29 34.85 -16.36
CA ARG A 126 2.07 36.23 -16.85
C ARG A 126 1.93 36.26 -18.36
N ASP A 127 2.76 35.48 -19.02
CA ASP A 127 2.81 35.44 -20.49
C ASP A 127 2.00 34.21 -20.97
N PRO A 128 0.79 34.45 -21.54
CA PRO A 128 -0.04 33.31 -21.97
C PRO A 128 0.52 32.50 -23.17
N ASN A 129 1.55 33.03 -23.85
CA ASN A 129 2.19 32.36 -24.98
C ASN A 129 3.33 31.43 -24.60
N LEU A 130 3.81 31.48 -23.36
CA LEU A 130 4.94 30.64 -22.92
C LEU A 130 4.48 29.35 -22.25
N LEU A 131 4.71 28.26 -22.96
CA LEU A 131 4.34 26.92 -22.55
C LEU A 131 5.55 26.11 -22.15
N LEU A 132 5.46 25.52 -20.95
CA LEU A 132 6.50 24.64 -20.47
C LEU A 132 6.05 23.18 -20.58
N SER A 133 6.89 22.33 -21.20
CA SER A 133 6.65 20.87 -21.27
C SER A 133 7.76 20.10 -20.52
N VAL A 134 7.40 19.00 -19.83
CA VAL A 134 8.38 18.17 -19.11
C VAL A 134 8.28 16.76 -19.68
N SER A 135 9.42 16.15 -19.95
CA SER A 135 9.40 14.90 -20.66
C SER A 135 10.19 13.71 -20.07
N LYS A 136 9.82 12.52 -20.55
CA LYS A 136 10.50 11.27 -20.24
C LYS A 136 11.93 11.28 -20.84
N ASP A 137 12.23 12.22 -21.79
CA ASP A 137 13.55 12.35 -22.40
C ASP A 137 14.59 13.06 -21.48
N HIS A 138 14.19 13.37 -20.20
CA HIS A 138 15.01 13.97 -19.12
C HIS A 138 15.06 15.49 -19.22
N ALA A 139 14.38 16.09 -20.19
CA ALA A 139 14.45 17.53 -20.38
C ALA A 139 13.13 18.25 -20.19
N LEU A 140 13.24 19.58 -20.03
CA LEU A 140 12.15 20.53 -19.99
C LEU A 140 12.30 21.42 -21.24
N ARG A 141 11.20 21.82 -21.85
CA ARG A 141 11.21 22.69 -23.05
C ARG A 141 10.26 23.86 -22.84
N LEU A 142 10.72 25.05 -23.23
CA LEU A 142 9.92 26.26 -23.13
C LEU A 142 9.59 26.71 -24.57
N TRP A 143 8.32 26.78 -24.88
CA TRP A 143 7.83 27.11 -26.22
C TRP A 143 7.12 28.43 -26.19
N ASN A 144 7.18 29.15 -27.31
CA ASN A 144 6.43 30.38 -27.51
C ASN A 144 5.38 29.97 -28.56
N ILE A 145 4.13 29.83 -28.13
CA ILE A 145 3.05 29.35 -28.99
C ILE A 145 2.47 30.45 -29.90
N GLN A 146 2.93 31.69 -29.77
CA GLN A 146 2.49 32.77 -30.66
C GLN A 146 3.35 32.70 -31.94
N THR A 147 4.68 32.50 -31.79
CA THR A 147 5.60 32.46 -32.93
C THR A 147 6.02 31.05 -33.32
N ASP A 148 5.43 30.01 -32.68
CA ASP A 148 5.73 28.58 -32.91
C ASP A 148 7.25 28.32 -32.79
N THR A 149 7.83 28.84 -31.72
CA THR A 149 9.26 28.72 -31.52
C THR A 149 9.59 27.95 -30.26
N LEU A 150 10.68 27.19 -30.33
CA LEU A 150 11.21 26.51 -29.16
C LEU A 150 12.20 27.49 -28.55
N VAL A 151 11.85 28.12 -27.42
CA VAL A 151 12.70 29.15 -26.78
C VAL A 151 13.98 28.55 -26.12
N ALA A 152 13.82 27.43 -25.38
CA ALA A 152 14.90 26.82 -24.62
C ALA A 152 14.62 25.38 -24.26
N ILE A 153 15.70 24.63 -24.06
CA ILE A 153 15.72 23.23 -23.62
C ILE A 153 16.53 23.21 -22.33
N PHE A 154 15.92 22.79 -21.21
CA PHE A 154 16.55 22.69 -19.89
C PHE A 154 16.95 21.23 -19.68
N GLY A 155 18.24 20.95 -19.82
CA GLY A 155 18.74 19.59 -19.66
C GLY A 155 20.13 19.36 -20.23
N GLY A 156 20.65 18.20 -19.94
CA GLY A 156 21.96 17.79 -20.40
C GLY A 156 22.76 17.24 -19.27
N VAL A 157 24.01 17.71 -19.17
CA VAL A 157 25.02 17.26 -18.22
C VAL A 157 24.54 17.35 -16.76
N GLU A 158 24.13 18.53 -16.28
CA GLU A 158 23.66 18.73 -14.90
C GLU A 158 22.14 18.81 -14.82
N GLY A 159 21.46 18.48 -15.91
CA GLY A 159 19.99 18.45 -15.90
C GLY A 159 19.51 17.18 -15.24
N HIS A 160 18.22 16.86 -15.39
CA HIS A 160 17.68 15.59 -14.86
C HIS A 160 18.35 14.39 -15.51
N ARG A 161 18.60 13.34 -14.72
CA ARG A 161 19.30 12.14 -15.18
C ARG A 161 18.32 11.01 -15.49
N ASP A 162 17.03 11.29 -15.32
CA ASP A 162 15.95 10.36 -15.60
C ASP A 162 14.69 11.19 -15.99
N GLU A 163 13.58 10.51 -16.30
CA GLU A 163 12.30 11.09 -16.73
C GLU A 163 11.82 12.21 -15.83
N VAL A 164 11.44 13.36 -16.45
CA VAL A 164 10.93 14.48 -15.66
C VAL A 164 9.44 14.28 -15.52
N LEU A 165 8.94 14.33 -14.28
CA LEU A 165 7.52 14.07 -14.01
C LEU A 165 6.64 15.26 -13.81
N SER A 166 7.23 16.37 -13.28
CA SER A 166 6.46 17.56 -12.94
C SER A 166 7.33 18.81 -12.94
N ALA A 167 6.71 19.98 -13.10
CA ALA A 167 7.37 21.29 -13.01
C ALA A 167 6.33 22.34 -12.72
N ASP A 168 6.78 23.46 -12.15
CA ASP A 168 5.91 24.57 -11.82
C ASP A 168 6.70 25.84 -11.88
N TYR A 169 6.07 26.89 -12.44
CA TYR A 169 6.62 28.25 -12.44
C TYR A 169 6.30 28.84 -11.09
N ASP A 170 7.15 29.73 -10.56
CA ASP A 170 6.85 30.49 -9.35
C ASP A 170 5.73 31.53 -9.65
N LEU A 171 5.31 32.33 -8.66
CA LEU A 171 4.23 33.31 -8.77
C LEU A 171 4.30 34.20 -10.04
N LEU A 172 5.47 34.78 -10.31
CA LEU A 172 5.69 35.68 -11.44
C LEU A 172 6.22 35.06 -12.70
N GLY A 173 6.59 33.80 -12.64
CA GLY A 173 7.19 33.12 -13.77
C GLY A 173 8.62 33.57 -13.98
N GLU A 174 9.34 33.87 -12.88
CA GLU A 174 10.77 34.23 -12.94
C GLU A 174 11.66 32.99 -12.87
N LYS A 175 11.12 31.88 -12.36
CA LYS A 175 11.84 30.62 -12.19
C LYS A 175 10.91 29.39 -12.23
N ILE A 176 11.50 28.25 -12.54
CA ILE A 176 10.81 26.96 -12.62
C ILE A 176 11.46 25.99 -11.65
N MET A 177 10.66 25.15 -10.98
CA MET A 177 11.18 24.06 -10.18
C MET A 177 10.67 22.79 -10.87
N SER A 178 11.58 21.87 -11.24
CA SER A 178 11.23 20.62 -11.88
C SER A 178 11.63 19.45 -10.94
N CYS A 179 11.03 18.27 -11.14
CA CYS A 179 11.30 17.08 -10.34
C CYS A 179 11.05 15.82 -11.17
N GLY A 180 11.59 14.68 -10.74
CA GLY A 180 11.39 13.46 -11.51
C GLY A 180 11.87 12.18 -10.89
N MET A 181 12.11 11.18 -11.79
CA MET A 181 12.52 9.82 -11.46
C MET A 181 13.89 9.74 -10.84
N ASP A 182 14.77 10.74 -11.06
CA ASP A 182 16.10 10.73 -10.44
C ASP A 182 16.08 11.20 -8.96
N HIS A 183 14.85 11.39 -8.37
CA HIS A 183 14.61 11.82 -6.99
C HIS A 183 14.96 13.30 -6.76
N SER A 184 15.40 14.01 -7.79
CA SER A 184 15.84 15.38 -7.58
C SER A 184 14.81 16.43 -7.92
N LEU A 185 14.98 17.59 -7.28
CA LEU A 185 14.23 18.81 -7.53
C LEU A 185 15.26 19.86 -8.01
N LYS A 186 15.04 20.43 -9.23
CA LYS A 186 15.98 21.38 -9.83
C LYS A 186 15.33 22.70 -10.14
N LEU A 187 16.04 23.77 -9.85
CA LEU A 187 15.59 25.11 -10.06
C LEU A 187 16.19 25.68 -11.33
N TRP A 188 15.35 26.29 -12.19
CA TRP A 188 15.80 26.89 -13.45
C TRP A 188 15.27 28.35 -13.52
N ARG A 189 16.17 29.34 -13.38
CA ARG A 189 15.82 30.77 -13.44
C ARG A 189 15.59 31.17 -14.90
N ILE A 190 14.43 31.81 -15.19
CA ILE A 190 14.09 32.24 -16.56
C ILE A 190 14.01 33.79 -16.65
N ASN A 191 14.46 34.47 -15.59
CA ASN A 191 14.54 35.95 -15.52
C ASN A 191 16.01 36.36 -15.69
N SER A 192 16.89 35.41 -16.12
CA SER A 192 18.30 35.71 -16.41
C SER A 192 18.34 36.58 -17.67
N LYS A 193 19.43 37.34 -17.85
CA LYS A 193 19.63 38.18 -19.04
C LYS A 193 19.53 37.26 -20.29
N ARG A 194 20.21 36.08 -20.25
CA ARG A 194 20.18 35.09 -21.33
C ARG A 194 18.74 34.60 -21.66
N MET A 195 17.94 34.25 -20.66
CA MET A 195 16.57 33.78 -20.89
C MET A 195 15.63 34.89 -21.30
N MET A 196 15.75 36.07 -20.68
CA MET A 196 14.93 37.24 -21.06
C MET A 196 15.17 37.62 -22.51
N ASN A 197 16.46 37.62 -22.93
CA ASN A 197 16.81 37.92 -24.32
C ASN A 197 16.29 36.85 -25.28
N ALA A 198 16.36 35.58 -24.87
CA ALA A 198 15.86 34.46 -25.68
C ALA A 198 14.33 34.55 -25.88
N ILE A 199 13.59 34.97 -24.83
CA ILE A 199 12.13 35.14 -24.86
C ILE A 199 11.79 36.29 -25.82
N LYS A 200 12.54 37.39 -25.70
CA LYS A 200 12.41 38.59 -26.54
C LYS A 200 12.68 38.24 -28.02
N GLU A 201 13.75 37.51 -28.28
CA GLU A 201 14.09 37.08 -29.64
C GLU A 201 13.04 36.14 -30.25
N SER A 202 12.45 35.23 -29.41
CA SER A 202 11.41 34.32 -29.87
C SER A 202 10.19 35.09 -30.43
N TYR A 203 9.88 36.27 -29.89
CA TYR A 203 8.79 37.10 -30.40
C TYR A 203 9.14 37.79 -31.71
N ASP A 204 10.43 37.95 -32.01
CA ASP A 204 10.92 38.60 -33.24
C ASP A 204 11.07 37.63 -34.40
N TYR A 205 11.00 36.34 -34.10
CA TYR A 205 11.15 35.29 -35.10
C TYR A 205 9.93 35.08 -35.96
N ASN A 206 10.18 35.01 -37.26
CA ASN A 206 9.19 34.68 -38.26
C ASN A 206 9.94 33.96 -39.37
N PRO A 207 9.60 32.67 -39.63
CA PRO A 207 10.30 31.92 -40.68
C PRO A 207 9.98 32.41 -42.08
N ASN A 208 8.97 33.29 -42.24
CA ASN A 208 8.64 33.84 -43.56
C ASN A 208 9.51 35.05 -43.92
N LYS A 209 10.27 35.59 -42.94
CA LYS A 209 11.12 36.75 -43.23
C LYS A 209 12.64 36.40 -43.20
N THR A 210 12.97 35.12 -42.92
CA THR A 210 14.34 34.59 -42.84
C THR A 210 14.36 33.10 -43.23
N ASN A 211 15.41 32.67 -43.92
CA ASN A 211 15.58 31.26 -44.27
C ASN A 211 16.39 30.52 -43.17
N ARG A 212 16.80 31.25 -42.11
CA ARG A 212 17.53 30.68 -40.97
C ARG A 212 16.63 30.22 -39.83
N PRO A 213 16.93 29.04 -39.23
CA PRO A 213 16.12 28.60 -38.09
C PRO A 213 16.36 29.42 -36.83
N PHE A 214 15.32 29.48 -35.98
CA PHE A 214 15.42 30.14 -34.69
C PHE A 214 16.31 29.22 -33.81
N ILE A 215 17.29 29.79 -33.09
CA ILE A 215 18.16 28.97 -32.27
C ILE A 215 17.76 29.02 -30.79
N SER A 216 17.41 27.84 -30.31
CA SER A 216 17.00 27.59 -28.93
C SER A 216 18.18 27.66 -27.99
N GLN A 217 17.92 28.17 -26.77
CA GLN A 217 18.93 28.18 -25.72
C GLN A 217 19.07 26.75 -25.20
N LYS A 218 20.31 26.28 -25.09
CA LYS A 218 20.62 24.94 -24.58
C LYS A 218 21.06 25.12 -23.15
N ILE A 219 20.10 25.09 -22.20
CA ILE A 219 20.40 25.29 -20.78
C ILE A 219 20.80 23.96 -20.09
N HIS A 220 22.12 23.73 -20.01
CA HIS A 220 22.71 22.53 -19.40
C HIS A 220 22.76 22.50 -17.87
N PHE A 221 22.74 23.66 -17.20
CA PHE A 221 22.94 23.71 -15.75
C PHE A 221 21.79 24.37 -14.99
N PRO A 222 21.25 23.71 -13.94
CA PRO A 222 20.19 24.35 -13.12
C PRO A 222 20.80 25.34 -12.11
N ASP A 223 19.97 26.20 -11.51
CA ASP A 223 20.40 27.20 -10.55
C ASP A 223 20.39 26.69 -9.10
N PHE A 224 19.93 25.46 -8.92
CA PHE A 224 19.85 24.76 -7.65
C PHE A 224 19.39 23.33 -7.93
N SER A 225 19.85 22.39 -7.12
CA SER A 225 19.45 20.99 -7.23
C SER A 225 19.53 20.31 -5.85
N THR A 226 18.55 19.44 -5.54
CA THR A 226 18.56 18.68 -4.31
C THR A 226 18.00 17.30 -4.56
N ARG A 227 18.53 16.32 -3.83
CA ARG A 227 18.05 14.94 -3.85
C ARG A 227 17.77 14.53 -2.39
N ASP A 228 17.73 15.51 -1.46
CA ASP A 228 17.55 15.30 -0.02
C ASP A 228 16.14 15.52 0.53
N ILE A 229 15.11 15.60 -0.33
CA ILE A 229 13.74 15.75 0.16
C ILE A 229 13.01 14.39 0.24
N HIS A 230 13.05 13.63 -0.86
CA HIS A 230 12.38 12.34 -1.04
C HIS A 230 13.36 11.25 -1.46
N ARG A 231 12.95 9.97 -1.23
CA ARG A 231 13.76 8.80 -1.53
C ARG A 231 13.17 7.95 -2.67
N ASN A 232 12.31 8.54 -3.53
CA ASN A 232 11.69 7.83 -4.66
C ASN A 232 11.28 8.85 -5.73
N TYR A 233 10.61 8.41 -6.83
CA TYR A 233 10.15 9.30 -7.92
C TYR A 233 9.42 10.52 -7.37
N VAL A 234 9.87 11.76 -7.68
CA VAL A 234 9.18 12.97 -7.24
C VAL A 234 8.21 13.26 -8.40
N ASP A 235 6.91 13.08 -8.16
CA ASP A 235 5.91 13.14 -9.23
C ASP A 235 5.02 14.39 -9.22
N CYS A 236 5.23 15.33 -8.26
CA CYS A 236 4.46 16.55 -8.22
C CYS A 236 5.22 17.64 -7.46
N VAL A 237 5.30 18.83 -8.03
CA VAL A 237 5.97 19.98 -7.44
C VAL A 237 5.16 21.22 -7.71
N ARG A 238 4.96 22.05 -6.68
CA ARG A 238 4.25 23.30 -6.78
C ARG A 238 4.95 24.34 -5.93
N TRP A 239 4.92 25.60 -6.35
CA TRP A 239 5.44 26.69 -5.52
C TRP A 239 4.33 27.16 -4.54
N LEU A 240 4.72 27.60 -3.35
CA LEU A 240 3.85 28.22 -2.34
C LEU A 240 4.64 29.47 -1.92
N GLY A 241 4.51 30.53 -2.69
CA GLY A 241 5.32 31.74 -2.53
C GLY A 241 6.75 31.40 -2.92
N ASP A 242 7.71 31.66 -2.04
CA ASP A 242 9.14 31.31 -2.21
C ASP A 242 9.38 29.87 -1.70
N LEU A 243 8.35 29.23 -1.18
CA LEU A 243 8.47 27.85 -0.68
C LEU A 243 8.06 26.82 -1.73
N ILE A 244 8.42 25.56 -1.49
CA ILE A 244 8.10 24.45 -2.37
C ILE A 244 7.31 23.39 -1.66
N LEU A 245 6.28 22.89 -2.36
CA LEU A 245 5.52 21.72 -1.92
C LEU A 245 5.87 20.61 -2.91
N SER A 246 6.32 19.45 -2.45
CA SER A 246 6.61 18.37 -3.37
C SER A 246 6.27 17.03 -2.75
N LYS A 247 5.97 16.05 -3.60
CA LYS A 247 5.64 14.72 -3.08
C LYS A 247 6.28 13.63 -3.88
N SER A 248 6.46 12.48 -3.24
CA SER A 248 6.89 11.23 -3.84
C SER A 248 5.71 10.26 -3.57
N CYS A 249 5.99 8.96 -3.54
CA CYS A 249 5.03 7.90 -3.28
C CYS A 249 5.20 7.43 -1.80
N GLU A 250 5.69 8.32 -0.90
CA GLU A 250 6.03 8.00 0.49
C GLU A 250 5.01 8.50 1.52
N ASN A 251 3.78 8.75 1.04
CA ASN A 251 2.59 9.15 1.81
C ASN A 251 2.77 10.46 2.60
N ALA A 252 3.45 11.43 1.97
CA ALA A 252 3.67 12.76 2.52
C ALA A 252 3.95 13.82 1.44
N ILE A 253 3.40 15.03 1.64
CA ILE A 253 3.69 16.22 0.81
C ILE A 253 4.64 17.02 1.68
N VAL A 254 5.88 17.23 1.21
CA VAL A 254 6.89 17.96 1.98
C VAL A 254 6.91 19.47 1.60
N CYS A 255 6.88 20.35 2.62
CA CYS A 255 7.04 21.80 2.46
C CYS A 255 8.50 22.10 2.79
N TRP A 256 9.24 22.64 1.84
CA TRP A 256 10.65 22.92 2.03
C TRP A 256 11.12 24.15 1.26
N LYS A 257 12.38 24.53 1.48
CA LYS A 257 13.00 25.62 0.77
C LYS A 257 14.50 25.34 0.56
N PRO A 258 15.10 25.85 -0.54
CA PRO A 258 16.57 25.72 -0.70
C PRO A 258 17.30 26.58 0.35
N GLY A 259 18.51 26.14 0.70
CA GLY A 259 19.38 26.78 1.67
C GLY A 259 18.94 26.66 3.11
N LYS A 260 19.55 27.49 3.96
CA LYS A 260 19.28 27.58 5.39
C LYS A 260 17.95 28.32 5.61
N MET A 261 17.42 28.28 6.84
CA MET A 261 16.13 28.90 7.21
C MET A 261 15.95 30.33 6.69
N GLU A 262 16.92 31.23 6.93
CA GLU A 262 16.85 32.64 6.52
C GLU A 262 17.39 32.93 5.08
N ASP A 263 17.74 31.89 4.30
CA ASP A 263 18.27 32.11 2.96
C ASP A 263 17.22 32.58 1.95
N ASP A 264 17.44 33.77 1.38
CA ASP A 264 16.55 34.31 0.35
C ASP A 264 16.77 33.43 -0.89
N ILE A 265 15.66 32.95 -1.50
CA ILE A 265 15.68 32.10 -2.71
C ILE A 265 16.45 32.75 -3.87
N ASP A 266 16.38 34.09 -4.00
CA ASP A 266 17.05 34.79 -5.09
C ASP A 266 18.51 35.09 -4.78
N LYS A 267 18.99 34.73 -3.58
CA LYS A 267 20.40 34.88 -3.19
C LYS A 267 21.11 33.50 -3.22
N ILE A 268 20.34 32.40 -3.31
CA ILE A 268 20.81 31.01 -3.44
C ILE A 268 21.74 30.89 -4.68
N LYS A 269 22.93 30.30 -4.48
CA LYS A 269 23.92 30.03 -5.52
C LYS A 269 23.69 28.59 -6.05
N PRO A 270 24.09 28.25 -7.31
CA PRO A 270 23.87 26.88 -7.79
C PRO A 270 24.56 25.76 -7.01
N SER A 271 25.57 26.11 -6.19
CA SER A 271 26.34 25.16 -5.37
C SER A 271 25.68 24.87 -4.01
N GLU A 272 24.59 25.59 -3.67
CA GLU A 272 23.85 25.45 -2.40
C GLU A 272 23.60 23.98 -2.03
N SER A 273 24.19 23.52 -0.93
CA SER A 273 24.09 22.12 -0.50
C SER A 273 23.03 21.89 0.56
N ASN A 274 22.43 22.97 1.08
CA ASN A 274 21.44 22.85 2.15
C ASN A 274 20.02 23.01 1.67
N VAL A 275 19.10 22.43 2.45
CA VAL A 275 17.65 22.55 2.28
C VAL A 275 17.08 22.67 3.68
N THR A 276 15.91 23.30 3.80
CA THR A 276 15.24 23.42 5.09
C THR A 276 13.83 22.88 4.92
N ILE A 277 13.48 21.84 5.71
CA ILE A 277 12.15 21.23 5.71
C ILE A 277 11.32 22.02 6.71
N LEU A 278 10.21 22.59 6.26
CA LEU A 278 9.36 23.42 7.10
C LEU A 278 8.15 22.71 7.66
N GLY A 279 7.77 21.58 7.06
CA GLY A 279 6.63 20.78 7.50
C GLY A 279 6.25 19.71 6.52
N ARG A 280 5.24 18.89 6.88
CA ARG A 280 4.72 17.80 6.04
C ARG A 280 3.22 17.64 6.18
N PHE A 281 2.57 17.21 5.09
CA PHE A 281 1.14 16.89 5.07
C PHE A 281 1.12 15.38 4.93
N ASP A 282 0.81 14.67 6.04
CA ASP A 282 0.79 13.21 6.08
C ASP A 282 -0.56 12.66 5.65
N TYR A 283 -0.55 11.49 5.01
CA TYR A 283 -1.77 10.83 4.54
C TYR A 283 -1.51 9.32 4.37
N SER A 284 -2.49 8.60 3.84
CA SER A 284 -2.41 7.15 3.68
C SER A 284 -2.78 6.71 2.27
N GLN A 285 -2.39 5.48 1.93
CA GLN A 285 -2.72 4.79 0.69
C GLN A 285 -2.61 5.63 -0.57
N CYS A 286 -1.47 6.31 -0.73
CA CYS A 286 -1.12 7.06 -1.92
C CYS A 286 0.37 6.82 -2.14
N ASP A 287 0.71 5.52 -2.27
CA ASP A 287 2.09 5.07 -2.39
C ASP A 287 2.46 4.54 -3.79
N ILE A 288 1.55 4.68 -4.76
CA ILE A 288 1.77 4.31 -6.17
C ILE A 288 2.31 5.55 -6.92
N TRP A 289 3.02 5.34 -8.05
CA TRP A 289 3.54 6.45 -8.83
C TRP A 289 2.41 7.11 -9.62
N TYR A 290 2.61 8.40 -9.95
CA TYR A 290 1.73 9.25 -10.80
C TYR A 290 0.41 9.62 -10.12
N MET A 291 0.50 10.37 -9.05
CA MET A 291 -0.62 10.91 -8.27
C MET A 291 -0.30 12.39 -8.04
N ARG A 292 -1.12 13.27 -8.61
CA ARG A 292 -0.90 14.70 -8.54
C ARG A 292 -1.65 15.38 -7.38
N PHE A 293 -1.01 16.34 -6.67
CA PHE A 293 -1.74 17.16 -5.69
C PHE A 293 -2.05 18.50 -6.41
N SER A 294 -3.05 19.24 -5.92
CA SER A 294 -3.35 20.51 -6.57
C SER A 294 -3.77 21.57 -5.55
N MET A 295 -3.49 22.81 -5.88
CA MET A 295 -3.87 23.95 -5.06
C MET A 295 -4.96 24.74 -5.78
N ASP A 296 -5.78 25.47 -5.01
CA ASP A 296 -6.78 26.32 -5.63
C ASP A 296 -6.03 27.58 -6.16
N PHE A 297 -6.73 28.44 -6.90
CA PHE A 297 -6.15 29.64 -7.48
C PHE A 297 -5.45 30.56 -6.46
N TRP A 298 -6.12 30.77 -5.30
CA TRP A 298 -5.73 31.63 -4.18
C TRP A 298 -4.66 31.02 -3.31
N GLN A 299 -4.37 29.71 -3.50
CA GLN A 299 -3.37 28.93 -2.77
C GLN A 299 -3.65 28.94 -1.28
N LYS A 300 -4.94 28.79 -0.95
CA LYS A 300 -5.49 28.73 0.40
C LYS A 300 -5.93 27.28 0.75
N MET A 301 -6.15 26.45 -0.30
CA MET A 301 -6.59 25.04 -0.23
C MET A 301 -5.62 24.12 -0.97
N LEU A 302 -5.39 22.91 -0.43
CA LEU A 302 -4.54 21.87 -1.00
C LEU A 302 -5.36 20.56 -1.05
N ALA A 303 -5.31 19.84 -2.20
CA ALA A 303 -6.06 18.57 -2.36
C ALA A 303 -5.23 17.48 -3.00
N LEU A 304 -5.46 16.24 -2.56
CA LEU A 304 -4.78 15.09 -3.11
C LEU A 304 -5.66 13.87 -2.98
N GLY A 305 -5.85 13.20 -4.11
CA GLY A 305 -6.58 11.94 -4.14
C GLY A 305 -5.65 10.79 -3.82
N ASN A 306 -6.21 9.68 -3.30
CA ASN A 306 -5.37 8.52 -2.99
C ASN A 306 -5.75 7.31 -3.89
N GLN A 307 -5.03 6.18 -3.76
CA GLN A 307 -5.19 5.05 -4.67
C GLN A 307 -6.50 4.24 -4.48
N VAL A 308 -7.30 4.53 -3.43
CA VAL A 308 -8.55 3.81 -3.21
C VAL A 308 -9.78 4.76 -3.19
N GLY A 309 -9.68 5.87 -3.92
CA GLY A 309 -10.79 6.83 -4.06
C GLY A 309 -11.07 7.78 -2.92
N LYS A 310 -10.11 7.97 -2.00
CA LYS A 310 -10.30 8.93 -0.90
C LYS A 310 -9.64 10.26 -1.30
N LEU A 311 -10.28 11.38 -0.95
CA LEU A 311 -9.77 12.69 -1.34
C LEU A 311 -9.41 13.50 -0.10
N TYR A 312 -8.14 13.86 0.05
CA TYR A 312 -7.63 14.64 1.17
C TYR A 312 -7.60 16.12 0.80
N VAL A 313 -8.18 16.98 1.66
CA VAL A 313 -8.21 18.45 1.49
C VAL A 313 -7.66 19.11 2.76
N TRP A 314 -6.67 20.01 2.62
CA TRP A 314 -6.06 20.76 3.72
C TRP A 314 -6.29 22.25 3.53
N ASP A 315 -6.53 22.96 4.64
CA ASP A 315 -6.66 24.41 4.62
C ASP A 315 -5.27 24.94 4.89
N LEU A 316 -4.71 25.73 3.94
CA LEU A 316 -3.36 26.27 4.06
C LEU A 316 -3.32 27.59 4.89
N GLU A 317 -4.49 28.12 5.28
CA GLU A 317 -4.62 29.36 6.07
C GLU A 317 -4.17 29.20 7.54
N CYS A 326 -6.86 18.34 8.28
CA CYS A 326 -7.19 17.54 7.09
C CYS A 326 -8.60 16.95 7.14
N THR A 327 -9.35 17.15 6.05
CA THR A 327 -10.69 16.63 5.83
C THR A 327 -10.59 15.55 4.75
N THR A 328 -11.22 14.38 5.00
CA THR A 328 -11.21 13.26 4.07
C THR A 328 -12.58 13.11 3.41
N LEU A 329 -12.63 13.35 2.08
CA LEU A 329 -13.83 13.24 1.28
C LEU A 329 -13.93 11.83 0.71
N THR A 330 -15.03 11.14 1.07
CA THR A 330 -15.28 9.75 0.66
C THR A 330 -16.70 9.53 0.16
N HIS A 331 -16.85 8.60 -0.78
CA HIS A 331 -18.12 8.11 -1.33
C HIS A 331 -17.96 6.60 -1.52
N HIS A 332 -18.98 5.83 -1.15
CA HIS A 332 -18.96 4.35 -1.25
C HIS A 332 -18.79 3.81 -2.68
N LYS A 333 -19.13 4.62 -3.71
CA LYS A 333 -18.99 4.22 -5.12
C LYS A 333 -17.65 4.65 -5.73
N CYS A 334 -16.88 5.49 -5.00
CA CYS A 334 -15.56 5.99 -5.42
C CYS A 334 -14.45 5.18 -4.75
N GLY A 335 -13.99 4.13 -5.44
CA GLY A 335 -12.94 3.22 -4.95
C GLY A 335 -11.69 3.14 -5.81
N ALA A 336 -11.69 3.80 -6.99
CA ALA A 336 -10.51 3.75 -7.86
C ALA A 336 -9.55 4.92 -7.56
N ALA A 337 -8.26 4.75 -7.95
CA ALA A 337 -7.22 5.74 -7.76
C ALA A 337 -7.58 7.11 -8.37
N ILE A 338 -7.48 8.19 -7.55
CA ILE A 338 -7.71 9.58 -8.00
C ILE A 338 -6.35 10.14 -8.45
N ARG A 339 -6.14 10.24 -9.77
CA ARG A 339 -4.88 10.70 -10.38
C ARG A 339 -4.61 12.21 -10.26
N GLN A 340 -5.67 13.04 -10.41
CA GLN A 340 -5.59 14.50 -10.31
C GLN A 340 -6.94 15.09 -9.88
N THR A 341 -6.90 16.27 -9.26
CA THR A 341 -8.06 17.03 -8.81
C THR A 341 -7.89 18.47 -9.36
N SER A 342 -8.99 19.21 -9.44
CA SER A 342 -8.98 20.61 -9.88
C SER A 342 -10.08 21.40 -9.18
N PHE A 343 -9.71 22.54 -8.58
CA PHE A 343 -10.66 23.43 -7.93
C PHE A 343 -11.12 24.44 -8.98
N SER A 344 -12.39 24.90 -8.86
CA SER A 344 -12.93 25.96 -9.72
C SER A 344 -12.22 27.21 -9.22
N ARG A 345 -12.18 28.28 -10.02
CA ARG A 345 -11.44 29.48 -9.64
C ARG A 345 -11.81 30.04 -8.27
N ASP A 346 -13.12 30.05 -7.94
CA ASP A 346 -13.66 30.54 -6.66
C ASP A 346 -13.58 29.50 -5.53
N SER A 347 -13.01 28.29 -5.81
CA SER A 347 -12.84 27.15 -4.90
C SER A 347 -14.15 26.54 -4.37
N SER A 348 -15.27 26.87 -5.00
CA SER A 348 -16.59 26.35 -4.60
C SER A 348 -16.80 24.91 -5.07
N ILE A 349 -16.11 24.51 -6.15
CA ILE A 349 -16.18 23.18 -6.75
C ILE A 349 -14.80 22.50 -6.78
N LEU A 350 -14.75 21.18 -6.49
CA LEU A 350 -13.57 20.35 -6.56
C LEU A 350 -13.94 19.13 -7.39
N ILE A 351 -13.19 18.92 -8.49
CA ILE A 351 -13.38 17.78 -9.39
C ILE A 351 -12.21 16.80 -9.24
N ALA A 352 -12.54 15.50 -9.09
CA ALA A 352 -11.59 14.39 -8.97
C ALA A 352 -11.80 13.44 -10.15
N VAL A 353 -10.69 13.00 -10.78
CA VAL A 353 -10.73 12.09 -11.93
C VAL A 353 -10.01 10.79 -11.58
N CYS A 354 -10.51 9.64 -12.05
CA CYS A 354 -10.03 8.33 -11.60
C CYS A 354 -9.56 7.37 -12.68
N ASP A 355 -8.91 6.31 -12.22
CA ASP A 355 -8.41 5.19 -13.01
C ASP A 355 -9.48 4.42 -13.76
N ASP A 356 -10.73 4.43 -13.26
CA ASP A 356 -11.85 3.74 -13.90
C ASP A 356 -12.66 4.69 -14.84
N ALA A 357 -12.05 5.81 -15.30
CA ALA A 357 -12.66 6.84 -16.17
C ALA A 357 -13.81 7.63 -15.49
N SER A 358 -13.93 7.54 -14.16
CA SER A 358 -14.96 8.26 -13.40
C SER A 358 -14.53 9.69 -12.99
N ILE A 359 -15.52 10.61 -12.91
CA ILE A 359 -15.38 12.03 -12.57
C ILE A 359 -16.26 12.30 -11.35
N TRP A 360 -15.71 12.94 -10.32
CA TRP A 360 -16.46 13.22 -9.08
C TRP A 360 -16.51 14.72 -8.78
N ARG A 361 -17.73 15.24 -8.52
CA ARG A 361 -17.94 16.66 -8.21
C ARG A 361 -18.24 16.83 -6.73
N TRP A 362 -17.47 17.69 -6.07
CA TRP A 362 -17.60 18.04 -4.67
C TRP A 362 -17.84 19.55 -4.59
N ASP A 363 -18.97 19.94 -4.01
CA ASP A 363 -19.33 21.35 -3.85
C ASP A 363 -19.24 21.75 -2.39
N ARG A 364 -18.66 22.95 -2.12
CA ARG A 364 -18.48 23.49 -0.77
C ARG A 364 -19.80 23.90 -0.08
N SER B 6 -6.40 2.42 14.14
CA SER B 6 -5.68 3.61 13.68
C SER B 6 -4.16 3.39 13.75
N PHE B 7 -3.70 2.40 12.96
CA PHE B 7 -2.31 1.97 12.88
C PHE B 7 -1.41 2.83 12.01
N LYS B 8 -0.14 2.96 12.44
CA LYS B 8 0.88 3.68 11.70
C LYS B 8 2.16 2.86 11.71
N CYS B 9 2.82 2.77 10.54
CA CYS B 9 4.08 2.03 10.43
C CYS B 9 5.18 2.87 11.09
N VAL B 10 5.70 2.38 12.23
CA VAL B 10 6.70 3.10 13.03
C VAL B 10 8.14 2.58 12.82
N ASN B 11 8.30 1.35 12.33
CA ASN B 11 9.62 0.74 12.11
C ASN B 11 9.58 -0.46 11.18
N SER B 12 10.74 -0.77 10.58
CA SER B 12 10.96 -1.92 9.71
C SER B 12 12.42 -2.34 9.68
N LEU B 13 12.66 -3.64 9.56
CA LEU B 13 14.01 -4.21 9.47
C LEU B 13 14.02 -5.44 8.59
N LYS B 14 15.22 -5.89 8.18
CA LYS B 14 15.39 -7.05 7.32
C LYS B 14 16.47 -7.96 7.92
N GLU B 15 16.15 -9.24 8.11
CA GLU B 15 17.08 -10.22 8.65
C GLU B 15 18.17 -10.53 7.63
N ASP B 16 19.40 -10.76 8.10
CA ASP B 16 20.57 -10.96 7.25
C ASP B 16 20.55 -12.21 6.35
N HIS B 17 19.78 -13.27 6.73
CA HIS B 17 19.69 -14.53 5.97
C HIS B 17 18.99 -14.42 4.60
N ASN B 18 18.16 -13.36 4.39
CA ASN B 18 17.41 -13.05 3.16
C ASN B 18 16.36 -14.12 2.76
N GLN B 19 16.04 -15.06 3.67
CA GLN B 19 15.06 -16.10 3.40
C GLN B 19 13.68 -15.71 3.94
N PRO B 20 12.57 -16.25 3.36
CA PRO B 20 11.23 -15.89 3.87
C PRO B 20 11.01 -16.15 5.34
N LEU B 21 10.26 -15.28 6.01
CA LEU B 21 9.86 -15.48 7.40
C LEU B 21 8.44 -16.05 7.36
N PHE B 22 8.24 -17.27 7.93
CA PHE B 22 6.97 -17.99 7.87
C PHE B 22 6.10 -17.87 9.12
N GLY B 23 6.70 -17.50 10.23
CA GLY B 23 6.00 -17.36 11.50
C GLY B 23 6.49 -16.21 12.34
N VAL B 24 5.59 -15.67 13.15
CA VAL B 24 5.80 -14.57 14.08
C VAL B 24 4.79 -14.69 15.22
N GLN B 25 5.27 -14.56 16.46
CA GLN B 25 4.41 -14.65 17.62
C GLN B 25 4.89 -13.72 18.69
N PHE B 26 3.99 -12.88 19.20
CA PHE B 26 4.31 -12.09 20.38
C PHE B 26 4.15 -13.04 21.56
N ASN B 27 4.86 -12.80 22.67
CA ASN B 27 4.71 -13.60 23.88
C ASN B 27 3.52 -13.02 24.63
N TRP B 28 2.38 -13.75 24.70
CA TRP B 28 1.21 -13.24 25.40
C TRP B 28 1.20 -13.60 26.88
N HIS B 29 2.21 -14.38 27.32
CA HIS B 29 2.39 -14.82 28.71
C HIS B 29 3.15 -13.82 29.60
N SER B 30 3.42 -12.61 29.07
CA SER B 30 4.14 -11.57 29.82
C SER B 30 3.17 -10.62 30.53
N LYS B 31 3.49 -10.20 31.76
CA LYS B 31 2.69 -9.27 32.57
C LYS B 31 2.79 -7.84 32.03
N GLU B 32 1.82 -6.96 32.37
CA GLU B 32 1.86 -5.57 31.93
C GLU B 32 3.03 -4.87 32.62
N GLY B 33 3.77 -4.07 31.87
CA GLY B 33 4.95 -3.39 32.38
C GLY B 33 6.22 -4.21 32.19
N ASP B 34 6.06 -5.44 31.66
CA ASP B 34 7.18 -6.33 31.36
C ASP B 34 7.51 -6.24 29.86
N PRO B 35 8.73 -6.66 29.41
CA PRO B 35 9.08 -6.49 27.98
C PRO B 35 8.12 -7.10 26.96
N LEU B 36 7.81 -6.32 25.89
CA LEU B 36 6.98 -6.79 24.79
C LEU B 36 7.93 -7.50 23.84
N VAL B 37 7.89 -8.84 23.88
CA VAL B 37 8.81 -9.67 23.09
C VAL B 37 8.06 -10.51 22.04
N PHE B 38 8.60 -10.56 20.82
CA PHE B 38 8.08 -11.37 19.75
C PHE B 38 9.18 -12.24 19.14
N ALA B 39 8.78 -13.42 18.63
CA ALA B 39 9.69 -14.38 17.98
C ALA B 39 9.37 -14.42 16.50
N THR B 40 10.39 -14.59 15.65
CA THR B 40 10.23 -14.74 14.19
C THR B 40 10.94 -16.03 13.80
N VAL B 41 10.42 -16.74 12.79
CA VAL B 41 11.01 -17.98 12.27
C VAL B 41 11.09 -17.96 10.74
N GLY B 42 12.23 -18.40 10.23
CA GLY B 42 12.51 -18.47 8.81
C GLY B 42 13.87 -19.11 8.66
N SER B 43 14.16 -19.73 7.49
CA SER B 43 15.38 -20.51 7.23
C SER B 43 15.54 -21.51 8.41
N ASN B 44 16.74 -21.67 8.94
CA ASN B 44 17.00 -22.49 10.13
C ASN B 44 17.24 -21.51 11.32
N ARG B 45 16.57 -20.32 11.28
CA ARG B 45 16.70 -19.24 12.27
C ARG B 45 15.44 -19.05 13.14
N VAL B 46 15.65 -18.70 14.43
CA VAL B 46 14.62 -18.29 15.40
C VAL B 46 15.19 -16.99 16.01
N THR B 47 14.49 -15.87 15.85
CA THR B 47 14.99 -14.59 16.38
C THR B 47 14.02 -13.92 17.33
N LEU B 48 14.51 -13.48 18.49
CA LEU B 48 13.71 -12.76 19.51
C LEU B 48 13.98 -11.27 19.40
N TYR B 49 12.92 -10.46 19.55
CA TYR B 49 12.98 -9.00 19.51
C TYR B 49 12.18 -8.38 20.63
N GLU B 50 12.58 -7.18 21.06
CA GLU B 50 11.87 -6.41 22.08
C GLU B 50 11.31 -5.16 21.47
N CYS B 51 10.03 -4.86 21.76
CA CYS B 51 9.36 -3.65 21.30
C CYS B 51 9.48 -2.63 22.42
N HIS B 52 10.07 -1.48 22.10
CA HIS B 52 10.23 -0.37 23.03
C HIS B 52 9.42 0.80 22.51
N SER B 53 9.40 1.90 23.28
CA SER B 53 8.71 3.13 22.93
C SER B 53 9.36 3.77 21.69
N GLN B 54 8.61 4.65 21.00
CA GLN B 54 9.04 5.39 19.80
C GLN B 54 9.42 4.46 18.64
N GLY B 55 8.67 3.38 18.50
CA GLY B 55 8.82 2.38 17.44
C GLY B 55 10.10 1.56 17.46
N GLU B 56 10.90 1.65 18.52
CA GLU B 56 12.16 0.89 18.65
C GLU B 56 11.94 -0.63 18.75
N ILE B 57 12.67 -1.37 17.90
CA ILE B 57 12.71 -2.82 17.88
C ILE B 57 14.16 -3.16 18.21
N ARG B 58 14.37 -3.89 19.33
CA ARG B 58 15.70 -4.27 19.79
C ARG B 58 15.90 -5.78 19.63
N LEU B 59 16.99 -6.16 18.95
CA LEU B 59 17.37 -7.55 18.77
C LEU B 59 17.86 -8.10 20.12
N LEU B 60 17.23 -9.17 20.61
CA LEU B 60 17.62 -9.78 21.88
C LEU B 60 18.61 -10.90 21.63
N GLN B 61 18.17 -11.95 20.93
CA GLN B 61 18.98 -13.13 20.63
C GLN B 61 18.47 -13.86 19.40
N SER B 62 19.39 -14.60 18.76
CA SER B 62 19.12 -15.39 17.56
C SER B 62 19.59 -16.81 17.80
N TYR B 63 18.82 -17.76 17.30
CA TYR B 63 19.10 -19.17 17.35
C TYR B 63 19.33 -19.61 15.91
N VAL B 64 20.44 -20.29 15.67
CA VAL B 64 20.77 -20.87 14.38
C VAL B 64 20.81 -22.38 14.61
N ASP B 65 19.92 -23.11 13.94
CA ASP B 65 19.83 -24.57 14.07
C ASP B 65 21.06 -25.23 13.47
N ALA B 66 21.52 -26.33 14.10
CA ALA B 66 22.69 -27.12 13.64
C ALA B 66 22.50 -27.64 12.21
N ASP B 67 21.25 -27.92 11.80
CA ASP B 67 20.92 -28.38 10.45
C ASP B 67 20.66 -27.18 9.54
N ALA B 68 21.53 -26.99 8.51
CA ALA B 68 21.39 -25.90 7.54
C ALA B 68 20.17 -26.13 6.65
N ASP B 69 19.79 -27.40 6.44
CA ASP B 69 18.63 -27.83 5.65
C ASP B 69 17.28 -27.69 6.39
N GLU B 70 17.28 -27.31 7.68
CA GLU B 70 16.02 -27.08 8.38
C GLU B 70 15.39 -25.77 7.91
N ASN B 71 14.05 -25.75 7.73
CA ASN B 71 13.24 -24.59 7.35
C ASN B 71 12.08 -24.49 8.37
N PHE B 72 12.21 -23.59 9.36
CA PHE B 72 11.15 -23.41 10.37
C PHE B 72 9.92 -22.79 9.75
N TYR B 73 8.78 -23.33 10.10
CA TYR B 73 7.48 -22.90 9.56
C TYR B 73 6.60 -22.31 10.59
N THR B 74 6.84 -22.65 11.87
CA THR B 74 5.93 -22.27 12.95
C THR B 74 6.66 -22.18 14.31
N CYS B 75 6.08 -21.38 15.20
CA CYS B 75 6.54 -21.22 16.57
C CYS B 75 5.36 -20.93 17.45
N ALA B 76 5.50 -21.24 18.75
CA ALA B 76 4.47 -21.06 19.77
C ALA B 76 5.15 -20.93 21.13
N TRP B 77 4.69 -19.97 21.91
CA TRP B 77 5.19 -19.70 23.25
C TRP B 77 4.42 -20.49 24.28
N THR B 78 5.10 -20.85 25.36
CA THR B 78 4.52 -21.42 26.55
C THR B 78 5.33 -20.89 27.73
N TYR B 79 5.15 -21.49 28.87
CA TYR B 79 5.91 -21.19 30.06
C TYR B 79 6.01 -22.46 30.86
N ASP B 80 6.99 -22.51 31.74
CA ASP B 80 7.22 -23.63 32.63
C ASP B 80 6.19 -23.44 33.75
N SER B 81 5.25 -24.39 33.89
CA SER B 81 4.18 -24.35 34.89
C SER B 81 4.64 -24.16 36.36
N ASN B 82 5.88 -24.61 36.69
CA ASN B 82 6.47 -24.52 38.02
C ASN B 82 7.23 -23.21 38.35
N THR B 83 7.82 -22.54 37.35
CA THR B 83 8.61 -21.31 37.54
C THR B 83 8.05 -20.06 36.83
N SER B 84 7.11 -20.25 35.88
CA SER B 84 6.48 -19.23 35.02
C SER B 84 7.46 -18.63 34.01
N HIS B 85 8.63 -19.30 33.82
CA HIS B 85 9.65 -18.88 32.88
C HIS B 85 9.20 -19.20 31.45
N PRO B 86 9.34 -18.26 30.48
CA PRO B 86 8.86 -18.54 29.12
C PRO B 86 9.64 -19.62 28.39
N LEU B 87 8.97 -20.30 27.45
CA LEU B 87 9.55 -21.37 26.61
C LEU B 87 9.03 -21.15 25.21
N LEU B 88 9.86 -21.43 24.22
CA LEU B 88 9.45 -21.29 22.84
C LEU B 88 9.62 -22.62 22.11
N ALA B 89 8.55 -23.07 21.44
CA ALA B 89 8.56 -24.31 20.65
C ALA B 89 8.66 -23.89 19.19
N VAL B 90 9.53 -24.57 18.42
CA VAL B 90 9.70 -24.32 17.00
C VAL B 90 9.70 -25.66 16.23
N ALA B 91 9.23 -25.62 14.97
CA ALA B 91 9.21 -26.81 14.11
C ALA B 91 9.10 -26.37 12.64
N GLY B 92 9.47 -27.26 11.74
CA GLY B 92 9.40 -26.98 10.32
C GLY B 92 9.54 -28.19 9.43
N SER B 93 10.22 -28.02 8.28
CA SER B 93 10.40 -29.04 7.26
C SER B 93 11.03 -30.36 7.77
N ARG B 94 11.91 -30.31 8.79
CA ARG B 94 12.54 -31.53 9.30
C ARG B 94 11.62 -32.35 10.22
N GLY B 95 10.47 -31.79 10.58
CA GLY B 95 9.47 -32.46 11.41
C GLY B 95 9.95 -32.84 12.79
N ILE B 96 10.82 -32.03 13.39
CA ILE B 96 11.34 -32.19 14.75
C ILE B 96 10.84 -30.94 15.53
N ILE B 97 10.27 -31.16 16.72
CA ILE B 97 9.86 -30.08 17.60
C ILE B 97 11.10 -29.76 18.47
N ARG B 98 11.44 -28.47 18.52
CA ARG B 98 12.56 -28.02 19.35
C ARG B 98 12.03 -27.05 20.40
N ILE B 99 12.34 -27.29 21.67
CA ILE B 99 12.01 -26.42 22.79
C ILE B 99 13.25 -25.59 23.12
N ILE B 100 13.15 -24.28 22.94
CA ILE B 100 14.24 -23.33 23.17
C ILE B 100 13.99 -22.47 24.40
N ASN B 101 15.02 -22.34 25.29
CA ASN B 101 15.00 -21.46 26.47
C ASN B 101 15.21 -20.06 25.90
N PRO B 102 14.20 -19.15 25.93
CA PRO B 102 14.38 -17.83 25.30
C PRO B 102 15.41 -16.91 25.97
N ILE B 103 15.76 -17.18 27.25
CA ILE B 103 16.73 -16.37 28.00
C ILE B 103 18.14 -16.57 27.45
N THR B 104 18.52 -17.83 27.21
CA THR B 104 19.85 -18.26 26.73
C THR B 104 19.87 -18.52 25.21
N MET B 105 18.68 -18.70 24.59
CA MET B 105 18.44 -19.04 23.18
C MET B 105 19.05 -20.42 22.85
N GLN B 106 19.04 -21.32 23.84
CA GLN B 106 19.56 -22.69 23.74
C GLN B 106 18.43 -23.72 23.71
N CYS B 107 18.64 -24.79 22.95
CA CYS B 107 17.69 -25.89 22.79
C CYS B 107 17.76 -26.80 24.03
N ILE B 108 16.66 -26.84 24.80
CA ILE B 108 16.52 -27.64 26.02
C ILE B 108 16.22 -29.08 25.63
N LYS B 109 15.09 -29.25 24.91
CA LYS B 109 14.49 -30.51 24.50
C LYS B 109 14.19 -30.51 23.02
N HIS B 110 14.20 -31.70 22.44
CA HIS B 110 13.81 -31.96 21.07
C HIS B 110 13.33 -33.37 21.04
N TYR B 111 12.46 -33.64 20.13
CA TYR B 111 11.94 -34.98 19.98
C TYR B 111 11.40 -35.08 18.61
N VAL B 112 11.74 -36.18 17.93
CA VAL B 112 11.34 -36.49 16.57
C VAL B 112 9.81 -36.48 16.60
N GLY B 113 9.28 -35.29 16.29
CA GLY B 113 7.88 -34.93 16.29
C GLY B 113 7.06 -35.83 15.40
N HIS B 114 7.34 -35.73 14.09
CA HIS B 114 6.64 -36.50 13.06
C HIS B 114 7.65 -37.05 12.03
N GLY B 115 7.14 -37.79 11.05
CA GLY B 115 7.96 -38.30 9.95
C GLY B 115 8.26 -37.20 8.95
N ASN B 116 7.25 -36.35 8.67
CA ASN B 116 7.35 -35.25 7.74
C ASN B 116 7.22 -33.90 8.45
N ALA B 117 7.31 -32.82 7.66
CA ALA B 117 7.26 -31.45 8.11
C ALA B 117 6.13 -31.16 9.10
N ILE B 118 6.41 -30.28 10.05
CA ILE B 118 5.37 -29.80 10.96
C ILE B 118 4.95 -28.42 10.43
N ASN B 119 3.65 -28.28 10.13
CA ASN B 119 3.10 -27.03 9.58
C ASN B 119 2.64 -26.02 10.63
N GLU B 120 2.17 -26.50 11.79
CA GLU B 120 1.72 -25.63 12.88
C GLU B 120 1.88 -26.28 14.25
N LEU B 121 2.19 -25.43 15.24
CA LEU B 121 2.35 -25.76 16.65
C LEU B 121 1.41 -24.86 17.42
N LYS B 122 0.64 -25.43 18.36
CA LYS B 122 -0.30 -24.69 19.20
C LYS B 122 -0.24 -25.25 20.62
N PHE B 123 -0.19 -24.37 21.61
CA PHE B 123 -0.19 -24.80 23.01
C PHE B 123 -1.64 -24.74 23.53
N HIS B 124 -2.03 -25.74 24.32
CA HIS B 124 -3.35 -25.79 24.94
C HIS B 124 -3.60 -24.49 25.73
N PRO B 125 -4.76 -23.82 25.57
CA PRO B 125 -4.98 -22.55 26.30
C PRO B 125 -5.10 -22.63 27.83
N ARG B 126 -5.28 -23.86 28.40
CA ARG B 126 -5.42 -24.03 29.87
C ARG B 126 -4.44 -25.04 30.50
N ASP B 127 -3.52 -25.57 29.70
CA ASP B 127 -2.45 -26.43 30.16
C ASP B 127 -1.18 -26.07 29.33
N PRO B 128 -0.20 -25.34 29.94
CA PRO B 128 1.00 -24.92 29.20
C PRO B 128 1.92 -26.07 28.74
N ASN B 129 1.70 -27.30 29.25
CA ASN B 129 2.49 -28.47 28.89
C ASN B 129 1.95 -29.25 27.71
N LEU B 130 0.70 -28.95 27.26
CA LEU B 130 0.08 -29.66 26.13
C LEU B 130 0.29 -28.96 24.79
N LEU B 131 1.13 -29.57 23.97
CA LEU B 131 1.51 -29.07 22.69
C LEU B 131 0.88 -29.89 21.57
N LEU B 132 0.19 -29.21 20.67
CA LEU B 132 -0.39 -29.79 19.48
C LEU B 132 0.50 -29.49 18.26
N SER B 133 0.91 -30.53 17.54
CA SER B 133 1.65 -30.39 16.28
C SER B 133 0.79 -30.92 15.12
N VAL B 134 0.84 -30.23 13.95
CA VAL B 134 0.10 -30.67 12.75
C VAL B 134 1.12 -30.92 11.64
N SER B 135 0.97 -32.03 10.93
CA SER B 135 2.02 -32.43 10.01
C SER B 135 1.61 -32.78 8.59
N LYS B 136 2.62 -32.75 7.70
CA LYS B 136 2.51 -33.20 6.31
C LYS B 136 2.21 -34.70 6.24
N ASP B 137 2.44 -35.45 7.34
CA ASP B 137 2.19 -36.90 7.43
C ASP B 137 0.70 -37.26 7.61
N HIS B 138 -0.21 -36.23 7.56
CA HIS B 138 -1.69 -36.32 7.62
C HIS B 138 -2.23 -36.38 9.04
N ALA B 139 -1.33 -36.33 10.02
CA ALA B 139 -1.74 -36.49 11.42
C ALA B 139 -1.48 -35.29 12.29
N LEU B 140 -2.23 -35.23 13.39
CA LEU B 140 -2.09 -34.27 14.48
C LEU B 140 -1.55 -35.07 15.67
N ARG B 141 -0.64 -34.48 16.46
CA ARG B 141 -0.10 -35.13 17.66
C ARG B 141 -0.23 -34.19 18.86
N LEU B 142 -0.64 -34.75 19.99
CA LEU B 142 -0.76 -34.01 21.26
C LEU B 142 0.29 -34.55 22.20
N TRP B 143 1.20 -33.68 22.61
CA TRP B 143 2.32 -34.02 23.47
C TRP B 143 2.21 -33.37 24.80
N ASN B 144 2.76 -34.02 25.83
CA ASN B 144 2.89 -33.45 27.16
C ASN B 144 4.40 -33.20 27.27
N ILE B 145 4.79 -31.93 27.20
CA ILE B 145 6.21 -31.54 27.20
C ILE B 145 6.82 -31.53 28.60
N GLN B 146 6.02 -31.76 29.66
CA GLN B 146 6.56 -31.85 31.00
C GLN B 146 7.11 -33.27 31.21
N THR B 147 6.35 -34.31 30.78
CA THR B 147 6.73 -35.71 30.97
C THR B 147 7.29 -36.35 29.71
N ASP B 148 7.47 -35.56 28.61
CA ASP B 148 7.98 -36.02 27.30
C ASP B 148 7.16 -37.24 26.80
N THR B 149 5.84 -37.10 26.87
CA THR B 149 4.94 -38.18 26.48
C THR B 149 4.06 -37.76 25.31
N LEU B 150 3.78 -38.73 24.42
CA LEU B 150 2.88 -38.52 23.32
C LEU B 150 1.51 -38.91 23.87
N VAL B 151 0.63 -37.94 24.11
CA VAL B 151 -0.68 -38.19 24.75
C VAL B 151 -1.65 -38.88 23.80
N ALA B 152 -1.78 -38.29 22.60
CA ALA B 152 -2.70 -38.71 21.55
C ALA B 152 -2.22 -38.44 20.16
N ILE B 153 -2.73 -39.26 19.26
CA ILE B 153 -2.46 -39.10 17.85
C ILE B 153 -3.80 -39.11 17.09
N PHE B 154 -4.02 -38.08 16.29
CA PHE B 154 -5.26 -37.87 15.54
C PHE B 154 -5.04 -38.10 14.05
N GLY B 155 -5.55 -39.23 13.59
CA GLY B 155 -5.45 -39.67 12.21
C GLY B 155 -5.87 -41.12 12.08
N GLY B 156 -6.11 -41.55 10.86
CA GLY B 156 -6.56 -42.89 10.57
C GLY B 156 -7.59 -42.85 9.46
N VAL B 157 -8.41 -43.90 9.37
CA VAL B 157 -9.44 -44.08 8.32
C VAL B 157 -10.26 -42.77 8.07
N GLU B 158 -10.76 -42.14 9.13
CA GLU B 158 -11.55 -40.94 9.00
C GLU B 158 -10.77 -39.65 9.32
N GLY B 159 -9.45 -39.76 9.50
CA GLY B 159 -8.62 -38.57 9.73
C GLY B 159 -8.32 -37.88 8.41
N HIS B 160 -7.39 -36.90 8.42
CA HIS B 160 -6.99 -36.21 7.21
C HIS B 160 -6.36 -37.14 6.18
N ARG B 161 -6.70 -36.91 4.88
CA ARG B 161 -6.23 -37.77 3.79
C ARG B 161 -5.05 -37.17 3.08
N ASP B 162 -4.62 -35.99 3.54
CA ASP B 162 -3.51 -35.25 2.97
C ASP B 162 -2.90 -34.39 4.10
N GLU B 163 -1.83 -33.66 3.77
CA GLU B 163 -1.07 -32.79 4.69
C GLU B 163 -1.97 -31.89 5.54
N VAL B 164 -1.71 -31.87 6.85
CA VAL B 164 -2.49 -31.01 7.73
C VAL B 164 -1.75 -29.68 7.79
N LEU B 165 -2.45 -28.59 7.51
CA LEU B 165 -1.82 -27.25 7.41
C LEU B 165 -1.98 -26.39 8.62
N SER B 166 -3.10 -26.55 9.34
CA SER B 166 -3.41 -25.69 10.48
C SER B 166 -4.35 -26.38 11.46
N ALA B 167 -4.37 -25.91 12.72
CA ALA B 167 -5.28 -26.36 13.76
C ALA B 167 -5.38 -25.33 14.83
N ASP B 168 -6.49 -25.35 15.57
CA ASP B 168 -6.72 -24.41 16.65
C ASP B 168 -7.57 -25.06 17.73
N TYR B 169 -7.20 -24.80 18.98
CA TYR B 169 -7.97 -25.21 20.16
C TYR B 169 -9.07 -24.16 20.32
N ASP B 170 -10.25 -24.53 20.82
CA ASP B 170 -11.30 -23.56 21.16
C ASP B 170 -10.83 -22.79 22.45
N LEU B 171 -11.65 -21.87 22.98
CA LEU B 171 -11.31 -21.02 24.15
C LEU B 171 -10.73 -21.80 25.36
N LEU B 172 -11.39 -22.90 25.76
CA LEU B 172 -10.95 -23.70 26.91
C LEU B 172 -10.06 -24.87 26.61
N GLY B 173 -9.84 -25.17 25.34
CA GLY B 173 -9.06 -26.34 24.96
C GLY B 173 -9.86 -27.61 25.16
N GLU B 174 -11.19 -27.55 24.95
CA GLU B 174 -12.09 -28.71 25.05
C GLU B 174 -12.15 -29.44 23.71
N LYS B 175 -11.85 -28.73 22.62
CA LYS B 175 -11.88 -29.27 21.26
C LYS B 175 -10.88 -28.58 20.32
N ILE B 176 -10.50 -29.30 19.27
CA ILE B 176 -9.57 -28.83 18.24
C ILE B 176 -10.28 -28.86 16.88
N MET B 177 -10.06 -27.85 16.04
CA MET B 177 -10.51 -27.88 14.66
C MET B 177 -9.21 -27.89 13.81
N SER B 178 -9.07 -28.85 12.91
CA SER B 178 -7.90 -28.98 12.02
C SER B 178 -8.37 -28.84 10.57
N CYS B 179 -7.44 -28.51 9.64
CA CYS B 179 -7.74 -28.34 8.22
C CYS B 179 -6.49 -28.63 7.39
N GLY B 180 -6.66 -28.88 6.10
CA GLY B 180 -5.50 -29.14 5.27
C GLY B 180 -5.72 -29.23 3.78
N MET B 181 -4.79 -29.96 3.14
CA MET B 181 -4.74 -30.14 1.71
C MET B 181 -5.91 -30.96 1.16
N ASP B 182 -6.54 -31.81 1.97
CA ASP B 182 -7.69 -32.60 1.52
C ASP B 182 -9.00 -31.75 1.47
N HIS B 183 -8.90 -30.42 1.67
CA HIS B 183 -10.02 -29.44 1.65
C HIS B 183 -10.93 -29.58 2.88
N SER B 184 -10.64 -30.49 3.80
CA SER B 184 -11.54 -30.70 4.92
C SER B 184 -11.16 -29.98 6.18
N LEU B 185 -12.19 -29.76 7.02
CA LEU B 185 -12.09 -29.23 8.37
C LEU B 185 -12.64 -30.32 9.31
N LYS B 186 -11.82 -30.74 10.29
CA LYS B 186 -12.17 -31.84 11.21
C LYS B 186 -12.13 -31.39 12.65
N LEU B 187 -13.18 -31.75 13.39
CA LEU B 187 -13.32 -31.44 14.80
C LEU B 187 -12.87 -32.63 15.64
N TRP B 188 -12.00 -32.38 16.63
CA TRP B 188 -11.53 -33.44 17.55
C TRP B 188 -11.78 -32.98 19.02
N ARG B 189 -12.75 -33.61 19.70
CA ARG B 189 -13.08 -33.26 21.10
C ARG B 189 -12.04 -33.89 22.02
N ILE B 190 -11.46 -33.10 22.91
CA ILE B 190 -10.43 -33.60 23.82
C ILE B 190 -10.90 -33.47 25.27
N ASN B 191 -12.21 -33.22 25.47
CA ASN B 191 -12.84 -33.15 26.80
C ASN B 191 -13.64 -34.41 27.09
N SER B 192 -13.47 -35.45 26.29
CA SER B 192 -14.15 -36.73 26.52
C SER B 192 -13.50 -37.38 27.74
N LYS B 193 -14.22 -38.28 28.43
CA LYS B 193 -13.68 -39.00 29.60
C LYS B 193 -12.35 -39.69 29.20
N ARG B 194 -12.32 -40.34 28.03
CA ARG B 194 -11.14 -41.00 27.46
C ARG B 194 -9.94 -40.04 27.30
N MET B 195 -10.14 -38.89 26.64
CA MET B 195 -9.08 -37.90 26.44
C MET B 195 -8.63 -37.22 27.72
N MET B 196 -9.57 -36.88 28.65
CA MET B 196 -9.25 -36.27 29.95
C MET B 196 -8.43 -37.22 30.82
N ASN B 197 -8.80 -38.50 30.83
CA ASN B 197 -8.06 -39.52 31.57
C ASN B 197 -6.68 -39.75 30.95
N ALA B 198 -6.56 -39.72 29.61
CA ALA B 198 -5.28 -39.87 28.91
C ALA B 198 -4.31 -38.71 29.26
N ILE B 199 -4.83 -37.47 29.37
CA ILE B 199 -4.05 -36.29 29.75
C ILE B 199 -3.55 -36.44 31.19
N LYS B 200 -4.47 -36.79 32.11
CA LYS B 200 -4.12 -37.02 33.51
C LYS B 200 -3.05 -38.09 33.62
N GLU B 201 -3.23 -39.27 32.94
CA GLU B 201 -2.28 -40.39 32.96
C GLU B 201 -0.91 -40.03 32.38
N SER B 202 -0.86 -39.11 31.39
CA SER B 202 0.41 -38.67 30.79
C SER B 202 1.30 -37.98 31.82
N TYR B 203 0.69 -37.37 32.87
CA TYR B 203 1.41 -36.72 33.96
C TYR B 203 1.97 -37.74 34.95
N ASP B 204 1.39 -38.96 34.99
CA ASP B 204 1.78 -40.03 35.89
C ASP B 204 2.85 -40.94 35.30
N ARG B 212 -0.68 -51.70 34.30
CA ARG B 212 -0.77 -51.22 32.91
C ARG B 212 0.06 -49.93 32.65
N PRO B 213 0.99 -49.97 31.64
CA PRO B 213 1.77 -48.77 31.31
C PRO B 213 0.97 -47.69 30.59
N PHE B 214 1.52 -46.48 30.40
CA PHE B 214 0.83 -45.42 29.67
C PHE B 214 0.79 -45.80 28.18
N ILE B 215 -0.40 -45.73 27.58
CA ILE B 215 -0.61 -46.04 26.17
C ILE B 215 -1.18 -44.78 25.52
N SER B 216 -0.56 -44.29 24.43
CA SER B 216 -1.07 -43.11 23.68
C SER B 216 -2.41 -43.39 23.03
N GLN B 217 -3.32 -42.40 23.06
CA GLN B 217 -4.64 -42.56 22.45
C GLN B 217 -4.49 -42.51 20.95
N LYS B 218 -5.07 -43.49 20.22
CA LYS B 218 -5.06 -43.43 18.78
C LYS B 218 -6.49 -43.03 18.35
N ILE B 219 -6.68 -41.77 17.97
CA ILE B 219 -7.98 -41.23 17.55
C ILE B 219 -8.07 -41.31 16.03
N HIS B 220 -8.86 -42.26 15.54
CA HIS B 220 -9.00 -42.49 14.10
C HIS B 220 -10.22 -41.82 13.55
N PHE B 221 -11.11 -41.42 14.43
CA PHE B 221 -12.35 -40.79 14.02
C PHE B 221 -12.55 -39.40 14.63
N PRO B 222 -12.80 -38.36 13.78
CA PRO B 222 -13.08 -37.02 14.31
C PRO B 222 -14.54 -36.93 14.78
N ASP B 223 -14.88 -35.87 15.52
CA ASP B 223 -16.24 -35.65 16.06
C ASP B 223 -17.12 -34.86 15.11
N PHE B 224 -16.56 -34.45 13.98
CA PHE B 224 -17.21 -33.72 12.91
C PHE B 224 -16.21 -33.55 11.77
N SER B 225 -16.70 -33.59 10.53
CA SER B 225 -15.88 -33.38 9.34
C SER B 225 -16.70 -32.73 8.24
N THR B 226 -16.08 -31.80 7.50
CA THR B 226 -16.72 -31.16 6.36
C THR B 226 -15.71 -30.86 5.27
N ARG B 227 -16.15 -30.97 4.03
CA ARG B 227 -15.37 -30.63 2.84
C ARG B 227 -16.20 -29.64 2.01
N ASP B 228 -17.30 -29.10 2.59
CA ASP B 228 -18.25 -28.21 1.92
C ASP B 228 -18.05 -26.71 2.17
N ILE B 229 -16.91 -26.32 2.77
CA ILE B 229 -16.61 -24.90 3.06
C ILE B 229 -15.79 -24.29 1.92
N HIS B 230 -14.62 -24.87 1.63
CA HIS B 230 -13.67 -24.44 0.59
C HIS B 230 -13.49 -25.50 -0.48
N ARG B 231 -13.04 -25.10 -1.67
CA ARG B 231 -12.81 -26.00 -2.82
C ARG B 231 -11.32 -26.15 -3.16
N ASN B 232 -10.45 -25.80 -2.20
CA ASN B 232 -8.99 -25.91 -2.34
C ASN B 232 -8.36 -26.07 -0.93
N TYR B 233 -7.02 -26.13 -0.84
CA TYR B 233 -6.24 -26.29 0.39
C TYR B 233 -6.72 -25.32 1.47
N VAL B 234 -7.00 -25.83 2.67
CA VAL B 234 -7.42 -24.97 3.78
C VAL B 234 -6.14 -24.77 4.61
N ASP B 235 -5.58 -23.54 4.60
CA ASP B 235 -4.28 -23.29 5.23
C ASP B 235 -4.32 -22.51 6.56
N CYS B 236 -5.51 -22.16 7.05
CA CYS B 236 -5.64 -21.46 8.32
C CYS B 236 -7.02 -21.66 8.90
N VAL B 237 -7.08 -22.00 10.18
CA VAL B 237 -8.32 -22.21 10.92
C VAL B 237 -8.18 -21.65 12.31
N ARG B 238 -9.18 -20.93 12.76
CA ARG B 238 -9.22 -20.36 14.10
C ARG B 238 -10.64 -20.41 14.62
N TRP B 239 -10.80 -20.58 15.93
CA TRP B 239 -12.11 -20.49 16.57
C TRP B 239 -12.47 -19.03 16.85
N LEU B 240 -13.76 -18.68 16.74
CA LEU B 240 -14.31 -17.39 17.11
C LEU B 240 -15.53 -17.75 17.93
N GLY B 241 -15.30 -18.02 19.22
CA GLY B 241 -16.31 -18.52 20.13
C GLY B 241 -16.64 -19.93 19.69
N ASP B 242 -17.93 -20.21 19.43
CA ASP B 242 -18.41 -21.50 18.93
C ASP B 242 -18.35 -21.54 17.39
N LEU B 243 -17.97 -20.41 16.78
CA LEU B 243 -17.85 -20.34 15.32
C LEU B 243 -16.43 -20.62 14.85
N ILE B 244 -16.28 -20.88 13.54
CA ILE B 244 -14.98 -21.14 12.93
C ILE B 244 -14.71 -20.10 11.87
N LEU B 245 -13.49 -19.63 11.81
CA LEU B 245 -13.01 -18.79 10.71
C LEU B 245 -11.98 -19.66 9.96
N SER B 246 -12.14 -19.81 8.66
CA SER B 246 -11.16 -20.59 7.90
C SER B 246 -10.92 -19.99 6.52
N LYS B 247 -9.75 -20.23 5.98
CA LYS B 247 -9.45 -19.68 4.66
C LYS B 247 -8.76 -20.66 3.78
N SER B 248 -8.96 -20.44 2.49
CA SER B 248 -8.31 -21.12 1.40
C SER B 248 -7.57 -19.99 0.59
N CYS B 249 -7.26 -20.23 -0.68
CA CYS B 249 -6.53 -19.27 -1.51
C CYS B 249 -7.51 -18.60 -2.49
N GLU B 250 -8.77 -18.51 -2.06
CA GLU B 250 -9.88 -18.00 -2.86
C GLU B 250 -10.23 -16.54 -2.51
N ASN B 251 -9.30 -15.81 -1.85
CA ASN B 251 -9.41 -14.41 -1.47
C ASN B 251 -10.61 -14.12 -0.53
N ALA B 252 -10.87 -15.05 0.41
CA ALA B 252 -11.92 -14.93 1.41
C ALA B 252 -11.65 -15.76 2.67
N ILE B 253 -12.00 -15.19 3.84
CA ILE B 253 -11.99 -15.88 5.13
C ILE B 253 -13.48 -16.19 5.36
N VAL B 254 -13.83 -17.48 5.46
CA VAL B 254 -15.22 -17.91 5.66
C VAL B 254 -15.54 -18.11 7.15
N CYS B 255 -16.64 -17.50 7.61
CA CYS B 255 -17.18 -17.69 8.94
C CYS B 255 -18.30 -18.71 8.82
N TRP B 256 -18.16 -19.82 9.54
CA TRP B 256 -19.15 -20.89 9.46
C TRP B 256 -19.27 -21.67 10.77
N LYS B 257 -20.24 -22.58 10.81
CA LYS B 257 -20.46 -23.43 11.95
C LYS B 257 -20.97 -24.80 11.50
N PRO B 258 -20.65 -25.87 12.25
CA PRO B 258 -21.24 -27.20 11.95
C PRO B 258 -22.76 -27.19 12.21
N GLY B 259 -23.47 -28.04 11.47
CA GLY B 259 -24.91 -28.22 11.57
C GLY B 259 -25.73 -27.09 10.99
N LYS B 260 -27.04 -27.10 11.34
CA LYS B 260 -28.01 -26.09 10.95
C LYS B 260 -27.78 -24.81 11.79
N MET B 261 -28.41 -23.69 11.37
CA MET B 261 -28.30 -22.38 12.03
C MET B 261 -28.44 -22.44 13.57
N GLU B 262 -29.51 -23.10 14.04
CA GLU B 262 -29.95 -23.28 15.43
C GLU B 262 -29.24 -24.40 16.24
N ASP B 263 -28.28 -25.11 15.61
CA ASP B 263 -27.60 -26.23 16.27
C ASP B 263 -26.39 -25.82 17.16
N ASP B 264 -26.40 -26.26 18.45
CA ASP B 264 -25.35 -26.06 19.45
C ASP B 264 -24.18 -26.96 19.06
N ILE B 265 -22.95 -26.41 19.06
CA ILE B 265 -21.71 -27.11 18.71
C ILE B 265 -21.49 -28.35 19.58
N ASP B 266 -21.88 -28.30 20.86
CA ASP B 266 -21.67 -29.43 21.77
C ASP B 266 -22.77 -30.47 21.68
N LYS B 267 -23.79 -30.23 20.84
CA LYS B 267 -24.87 -31.19 20.57
C LYS B 267 -24.64 -31.89 19.19
N ILE B 268 -23.72 -31.34 18.37
CA ILE B 268 -23.31 -31.89 17.06
C ILE B 268 -22.77 -33.33 17.22
N LYS B 269 -23.30 -34.28 16.43
CA LYS B 269 -22.91 -35.70 16.42
C LYS B 269 -21.86 -35.88 15.31
N PRO B 270 -20.98 -36.91 15.39
CA PRO B 270 -19.97 -37.11 14.31
C PRO B 270 -20.53 -37.35 12.90
N SER B 271 -21.81 -37.74 12.79
CA SER B 271 -22.51 -38.02 11.54
C SER B 271 -23.15 -36.75 10.92
N GLU B 272 -23.06 -35.59 11.59
CA GLU B 272 -23.61 -34.30 11.13
C GLU B 272 -23.17 -33.99 9.69
N SER B 273 -24.14 -33.92 8.79
CA SER B 273 -23.90 -33.71 7.37
C SER B 273 -24.05 -32.25 6.92
N ASN B 274 -24.53 -31.37 7.80
CA ASN B 274 -24.77 -29.97 7.46
C ASN B 274 -23.74 -29.01 8.02
N VAL B 275 -23.63 -27.84 7.36
CA VAL B 275 -22.82 -26.69 7.76
C VAL B 275 -23.63 -25.44 7.48
N THR B 276 -23.35 -24.35 8.21
CA THR B 276 -24.03 -23.07 7.99
C THR B 276 -22.95 -22.01 7.80
N ILE B 277 -22.96 -21.34 6.64
CA ILE B 277 -22.03 -20.24 6.31
C ILE B 277 -22.68 -18.97 6.83
N LEU B 278 -22.00 -18.27 7.72
CA LEU B 278 -22.54 -17.06 8.34
C LEU B 278 -22.10 -15.77 7.71
N GLY B 279 -20.99 -15.81 6.98
CA GLY B 279 -20.45 -14.64 6.32
C GLY B 279 -19.06 -14.88 5.75
N ARG B 280 -18.48 -13.83 5.15
CA ARG B 280 -17.14 -13.85 4.57
C ARG B 280 -16.42 -12.53 4.73
N PHE B 281 -15.09 -12.57 4.84
CA PHE B 281 -14.23 -11.39 4.87
C PHE B 281 -13.50 -11.46 3.54
N ASP B 282 -13.92 -10.60 2.59
CA ASP B 282 -13.37 -10.57 1.25
C ASP B 282 -12.15 -9.66 1.18
N TYR B 283 -11.18 -10.03 0.35
CA TYR B 283 -9.94 -9.28 0.16
C TYR B 283 -9.35 -9.60 -1.22
N SER B 284 -8.16 -9.07 -1.50
CA SER B 284 -7.52 -9.22 -2.81
C SER B 284 -6.09 -9.69 -2.67
N GLN B 285 -5.54 -10.21 -3.77
CA GLN B 285 -4.15 -10.63 -3.94
C GLN B 285 -3.57 -11.41 -2.78
N CYS B 286 -4.30 -12.44 -2.33
CA CYS B 286 -3.86 -13.38 -1.31
C CYS B 286 -4.37 -14.75 -1.78
N ASP B 287 -3.94 -15.13 -2.98
CA ASP B 287 -4.38 -16.35 -3.65
C ASP B 287 -3.28 -17.43 -3.72
N ILE B 288 -2.12 -17.19 -3.08
CA ILE B 288 -1.02 -18.14 -3.00
C ILE B 288 -1.19 -18.98 -1.73
N TRP B 289 -0.62 -20.19 -1.71
CA TRP B 289 -0.74 -21.04 -0.51
C TRP B 289 0.20 -20.55 0.59
N TYR B 290 -0.15 -20.87 1.84
CA TYR B 290 0.61 -20.61 3.07
C TYR B 290 0.64 -19.14 3.47
N MET B 291 -0.54 -18.64 3.80
CA MET B 291 -0.77 -17.28 4.27
C MET B 291 -1.69 -17.40 5.48
N ARG B 292 -1.20 -16.98 6.64
CA ARG B 292 -1.98 -17.10 7.88
C ARG B 292 -2.70 -15.84 8.31
N PHE B 293 -3.93 -16.00 8.79
CA PHE B 293 -4.64 -14.84 9.35
C PHE B 293 -4.48 -14.94 10.88
N SER B 294 -4.57 -13.81 11.58
CA SER B 294 -4.44 -13.85 13.03
C SER B 294 -5.47 -12.97 13.65
N MET B 295 -5.74 -13.21 14.93
CA MET B 295 -6.62 -12.36 15.71
C MET B 295 -5.81 -11.86 16.93
N ASP B 296 -6.32 -10.82 17.59
CA ASP B 296 -5.70 -10.30 18.80
C ASP B 296 -6.23 -11.15 19.97
N PHE B 297 -5.69 -10.96 21.19
CA PHE B 297 -6.01 -11.74 22.39
C PHE B 297 -7.53 -11.77 22.74
N TRP B 298 -8.22 -10.64 22.58
CA TRP B 298 -9.66 -10.52 22.90
C TRP B 298 -10.56 -10.82 21.71
N GLN B 299 -9.97 -11.12 20.52
CA GLN B 299 -10.68 -11.45 19.27
C GLN B 299 -11.56 -10.30 18.79
N LYS B 300 -11.10 -9.07 19.02
CA LYS B 300 -11.81 -7.87 18.64
C LYS B 300 -11.35 -7.45 17.26
N MET B 301 -10.21 -7.98 16.78
CA MET B 301 -9.62 -7.64 15.48
C MET B 301 -9.06 -8.86 14.78
N LEU B 302 -9.15 -8.86 13.45
CA LEU B 302 -8.65 -9.91 12.58
C LEU B 302 -7.67 -9.26 11.60
N ALA B 303 -6.50 -9.88 11.38
CA ALA B 303 -5.49 -9.37 10.44
C ALA B 303 -5.00 -10.43 9.48
N LEU B 304 -4.73 -10.00 8.23
CA LEU B 304 -4.21 -10.90 7.21
C LEU B 304 -3.39 -10.11 6.23
N GLY B 305 -2.17 -10.58 6.02
CA GLY B 305 -1.27 -10.00 5.03
C GLY B 305 -1.54 -10.61 3.68
N ASN B 306 -1.24 -9.87 2.60
CA ASN B 306 -1.45 -10.40 1.26
C ASN B 306 -0.10 -10.60 0.53
N GLN B 307 -0.13 -11.15 -0.71
CA GLN B 307 1.10 -11.51 -1.43
C GLN B 307 1.93 -10.32 -1.96
N VAL B 308 1.42 -9.07 -1.87
CA VAL B 308 2.17 -7.91 -2.35
C VAL B 308 2.40 -6.86 -1.24
N GLY B 309 2.48 -7.33 0.01
CA GLY B 309 2.80 -6.48 1.16
C GLY B 309 1.69 -5.61 1.73
N LYS B 310 0.42 -5.90 1.40
CA LYS B 310 -0.70 -5.15 1.96
C LYS B 310 -1.25 -5.89 3.18
N LEU B 311 -1.63 -5.15 4.22
CA LEU B 311 -2.10 -5.79 5.44
C LEU B 311 -3.56 -5.39 5.72
N TYR B 312 -4.45 -6.37 5.72
CA TYR B 312 -5.88 -6.17 5.98
C TYR B 312 -6.20 -6.38 7.43
N VAL B 313 -6.91 -5.40 8.05
CA VAL B 313 -7.33 -5.44 9.46
C VAL B 313 -8.86 -5.22 9.52
N TRP B 314 -9.60 -6.13 10.18
CA TRP B 314 -11.05 -6.01 10.35
C TRP B 314 -11.38 -5.85 11.79
N ASP B 315 -12.39 -5.02 12.10
CA ASP B 315 -12.89 -4.83 13.46
C ASP B 315 -14.01 -5.85 13.61
N LEU B 316 -13.86 -6.79 14.55
CA LEU B 316 -14.86 -7.85 14.78
C LEU B 316 -16.00 -7.39 15.72
N GLU B 317 -15.91 -6.17 16.28
CA GLU B 317 -16.90 -5.59 17.20
C GLU B 317 -18.20 -5.20 16.50
N CYS B 326 -13.22 -2.96 6.69
CA CYS B 326 -11.82 -3.33 6.47
C CYS B 326 -10.92 -2.13 6.22
N THR B 327 -9.79 -2.07 6.94
CA THR B 327 -8.76 -1.05 6.80
C THR B 327 -7.53 -1.72 6.18
N THR B 328 -6.93 -1.08 5.18
CA THR B 328 -5.77 -1.60 4.47
C THR B 328 -4.52 -0.81 4.83
N LEU B 329 -3.57 -1.49 5.47
CA LEU B 329 -2.30 -0.91 5.90
C LEU B 329 -1.28 -1.17 4.81
N THR B 330 -0.67 -0.08 4.31
CA THR B 330 0.30 -0.11 3.21
C THR B 330 1.50 0.81 3.45
N HIS B 331 2.66 0.39 2.94
CA HIS B 331 3.92 1.14 2.93
C HIS B 331 4.56 0.88 1.59
N HIS B 332 5.13 1.93 0.97
CA HIS B 332 5.75 1.85 -0.37
C HIS B 332 6.98 0.92 -0.42
N LYS B 333 7.63 0.65 0.73
CA LYS B 333 8.79 -0.23 0.78
C LYS B 333 8.42 -1.69 1.09
N CYS B 334 7.14 -1.94 1.47
CA CYS B 334 6.59 -3.26 1.80
C CYS B 334 5.83 -3.82 0.61
N GLY B 335 6.53 -4.59 -0.24
CA GLY B 335 5.97 -5.20 -1.45
C GLY B 335 6.01 -6.72 -1.49
N ALA B 336 6.65 -7.36 -0.52
CA ALA B 336 6.73 -8.83 -0.51
C ALA B 336 5.58 -9.45 0.28
N ALA B 337 5.29 -10.74 0.01
CA ALA B 337 4.22 -11.50 0.66
C ALA B 337 4.35 -11.52 2.17
N ILE B 338 3.26 -11.15 2.89
CA ILE B 338 3.18 -11.18 4.35
C ILE B 338 2.62 -12.56 4.76
N ARG B 339 3.49 -13.45 5.23
CA ARG B 339 3.13 -14.83 5.61
C ARG B 339 2.31 -14.96 6.90
N GLN B 340 2.66 -14.15 7.92
CA GLN B 340 1.98 -14.14 9.21
C GLN B 340 2.11 -12.78 9.88
N THR B 341 1.15 -12.46 10.74
CA THR B 341 1.10 -11.24 11.54
C THR B 341 0.88 -11.65 13.00
N SER B 342 1.24 -10.77 13.94
CA SER B 342 1.04 -11.00 15.36
C SER B 342 0.74 -9.69 16.09
N PHE B 343 -0.35 -9.67 16.86
CA PHE B 343 -0.71 -8.52 17.68
C PHE B 343 -0.05 -8.70 19.03
N SER B 344 0.38 -7.59 19.66
CA SER B 344 0.87 -7.63 21.03
C SER B 344 -0.38 -7.92 21.88
N ARG B 345 -0.22 -8.39 23.13
CA ARG B 345 -1.37 -8.74 23.97
C ARG B 345 -2.41 -7.63 24.12
N ASP B 346 -1.97 -6.37 24.26
CA ASP B 346 -2.86 -5.21 24.42
C ASP B 346 -3.37 -4.65 23.07
N SER B 347 -2.99 -5.31 21.94
CA SER B 347 -3.33 -4.98 20.54
C SER B 347 -2.81 -3.60 20.08
N SER B 348 -1.89 -2.99 20.83
CA SER B 348 -1.33 -1.69 20.48
C SER B 348 -0.30 -1.79 19.36
N ILE B 349 0.34 -2.98 19.21
CA ILE B 349 1.35 -3.27 18.19
C ILE B 349 0.91 -4.44 17.29
N LEU B 350 1.16 -4.31 15.98
CA LEU B 350 0.93 -5.37 14.99
C LEU B 350 2.23 -5.54 14.21
N ILE B 351 2.77 -6.76 14.21
CA ILE B 351 4.01 -7.11 13.51
C ILE B 351 3.66 -8.00 12.32
N ALA B 352 4.23 -7.68 11.14
CA ALA B 352 4.06 -8.42 9.89
C ALA B 352 5.45 -8.91 9.45
N VAL B 353 5.54 -10.17 9.01
CA VAL B 353 6.81 -10.77 8.55
C VAL B 353 6.65 -11.19 7.09
N CYS B 354 7.72 -11.05 6.29
CA CYS B 354 7.62 -11.22 4.84
C CYS B 354 8.57 -12.22 4.22
N ASP B 355 8.28 -12.53 2.95
CA ASP B 355 9.06 -13.40 2.08
C ASP B 355 10.48 -12.91 1.81
N ASP B 356 10.73 -11.59 1.90
CA ASP B 356 12.06 -11.02 1.70
C ASP B 356 12.83 -10.83 3.03
N ALA B 357 12.45 -11.58 4.10
CA ALA B 357 13.05 -11.54 5.45
C ALA B 357 12.81 -10.20 6.20
N SER B 358 11.88 -9.37 5.71
CA SER B 358 11.56 -8.09 6.33
C SER B 358 10.48 -8.21 7.45
N ILE B 359 10.57 -7.32 8.47
CA ILE B 359 9.70 -7.25 9.65
C ILE B 359 9.11 -5.83 9.68
N TRP B 360 7.78 -5.72 9.83
CA TRP B 360 7.09 -4.43 9.84
C TRP B 360 6.32 -4.20 11.14
N ARG B 361 6.54 -3.04 11.78
CA ARG B 361 5.87 -2.69 13.02
C ARG B 361 4.82 -1.61 12.77
N TRP B 362 3.58 -1.90 13.19
CA TRP B 362 2.43 -0.99 13.07
C TRP B 362 1.92 -0.73 14.48
N ASP B 363 1.90 0.55 14.89
CA ASP B 363 1.42 0.95 16.21
C ASP B 363 0.10 1.69 16.08
N ARG B 364 -0.87 1.35 16.97
CA ARG B 364 -2.21 1.96 17.00
C ARG B 364 -2.21 3.44 17.41
CA CA C . 12.94 38.54 -5.32
CA CA D . 12.66 36.54 -3.72
C1 L9W E . -1.05 3.40 -15.41
C2 L9W E . -0.80 4.26 -14.35
C3 L9W E . -0.17 5.47 -14.59
C4 L9W E . 0.23 5.82 -15.87
C5 L9W E . 0.01 4.93 -16.92
C6 L9W E . -0.63 3.71 -16.69
C7 L9W E . 0.83 7.16 -16.13
C8 L9W E . 0.22 8.30 -15.62
C11 L9W E . 3.69 8.55 -17.66
C12 L9W E . 1.72 12.14 -16.02
C15 L9W E . 3.34 12.71 -12.63
C16 L9W E . 2.25 12.66 -11.76
C17 L9W E . 1.00 12.35 -12.30
C18 L9W E . 0.81 12.17 -13.65
C19 L9W E . -0.63 11.90 -13.94
O1 L9W E . -1.69 1.03 -16.28
S L9W E . -1.78 1.81 -15.08
O L9W E . -1.21 1.29 -13.88
C L9W E . -3.47 2.17 -14.78
C10 L9W E . 2.07 7.36 -16.82
N2 L9W E . 2.90 6.55 -17.44
N3 L9W E . 3.92 7.32 -18.00
N1 L9W E . 2.55 8.65 -16.93
C9 L9W E . 1.87 9.72 -16.43
N L9W E . 0.73 9.56 -15.77
N4 L9W E . 2.38 10.97 -16.57
C13 L9W E . 1.90 12.28 -14.53
C20 L9W E . -1.25 11.95 -12.54
O2 L9W E . -0.17 12.25 -11.59
C14 L9W E . 3.16 12.55 -13.99
C1 L9T F . 5.62 -24.01 2.95
C2 L9T F . 4.95 -23.66 4.99
C3 L9T F . 3.95 -23.29 7.25
C7 L9T F . -0.16 -22.48 6.59
C8 L9T F . 0.80 -21.50 6.68
C9 L9T F . 1.97 -19.57 6.68
C10 L9T F . 2.12 -21.79 6.92
C11 L9T F . 5.79 -22.64 2.96
C12 L9T F . 6.57 -22.22 1.92
C13 L9T F . 6.96 -23.03 0.79
C14 L9T F . 7.43 -22.16 -0.12
C15 L9T F . 7.72 -19.66 -0.18
N2 L9T F . 7.32 -20.92 0.41
N3 L9T F . 6.64 -20.92 1.58
S L9T F . 5.26 -22.02 4.49
N L9T F . 5.37 -24.56 4.17
C L9T F . 6.10 -25.00 1.94
N1 L9T F . 4.09 -23.95 5.99
C4 L9T F . 2.47 -23.07 7.33
C5 L9T F . 1.54 -24.10 7.10
O2 L9T F . 0.66 -20.14 6.50
O1 L9T F . 2.87 -20.64 7.03
C6 L9T F . 0.23 -23.80 6.78
#